data_4YX9
#
_entry.id   4YX9
#
_cell.length_a   169.628
_cell.length_b   84.016
_cell.length_c   89.522
_cell.angle_alpha   90.00
_cell.angle_beta   100.48
_cell.angle_gamma   90.00
#
_symmetry.space_group_name_H-M   'C 1 2 1'
#
loop_
_entity.id
_entity.type
_entity.pdbx_description
1 polymer 'CFTR inhibitory factor'
2 non-polymer '[4-(4-HYDROXY-3-IODO-PHENOXY)-3,5-DIIODO-PHENYL]-ACETIC ACID'
3 water water
#
_entity_poly.entity_id   1
_entity_poly.type   'polypeptide(L)'
_entity_poly.pdbx_seq_one_letter_code
;AEEFPVPNGFESAYREVDGVKLHYVKGGQGPLVMLVHGFGQTWYEWHQLMPELAKRFTVIAPDLPGLGQSEPPKTGYSGE
QVAVYLHKLARQFSPDRPFDLVAHDIGIWNTYPMVVKNQADIARLVYMEAPIPDARIYRFPAFTAQGESLVWHFSFFAAD
DRLAETLIAGKERFFLEHFIKSHASNTEVFSERLLDLYARSYAKPHSLNASFEYYRALNESVRQNAELAKTRLQMPTMTL
AGGGHGGMGTFQLEQMKAYAEDVEGHVLPGCGHWLPEECAAPMNRLVIDFLSRGRHHHHHH
;
_entity_poly.pdbx_strand_id   A,B,C,D
#
loop_
_chem_comp.id
_chem_comp.type
_chem_comp.name
_chem_comp.formula
4HY non-polymer '[4-(4-HYDROXY-3-IODO-PHENOXY)-3,5-DIIODO-PHENYL]-ACETIC ACID' 'C14 H9 I3 O4'
#
# COMPACT_ATOMS: atom_id res chain seq x y z
N ALA A 1 -11.29 -30.30 -8.61
CA ALA A 1 -11.27 -28.85 -8.46
C ALA A 1 -9.87 -28.33 -8.14
N GLU A 2 -9.56 -27.13 -8.65
CA GLU A 2 -8.26 -26.51 -8.42
C GLU A 2 -8.47 -25.10 -7.93
N GLU A 3 -7.82 -24.73 -6.83
CA GLU A 3 -7.96 -23.40 -6.26
C GLU A 3 -7.21 -22.37 -7.11
N PHE A 4 -6.14 -22.82 -7.77
CA PHE A 4 -5.33 -21.94 -8.61
C PHE A 4 -5.04 -22.60 -9.95
N PRO A 5 -4.91 -21.79 -11.01
CA PRO A 5 -4.65 -22.35 -12.35
C PRO A 5 -3.26 -22.96 -12.48
N VAL A 6 -3.23 -24.20 -12.94
CA VAL A 6 -1.98 -24.92 -13.15
C VAL A 6 -1.32 -24.42 -14.42
N PRO A 7 0.01 -24.17 -14.38
CA PRO A 7 0.68 -23.75 -15.62
C PRO A 7 0.59 -24.83 -16.68
N ASN A 8 0.61 -24.43 -17.95
CA ASN A 8 0.51 -25.39 -19.03
C ASN A 8 1.62 -26.42 -18.91
N GLY A 9 1.26 -27.70 -19.03
CA GLY A 9 2.26 -28.76 -19.01
C GLY A 9 2.64 -29.23 -17.62
N PHE A 10 1.95 -28.70 -16.61
CA PHE A 10 2.14 -29.18 -15.24
C PHE A 10 0.93 -30.01 -14.84
N GLU A 11 1.08 -30.83 -13.81
CA GLU A 11 -0.05 -31.57 -13.27
C GLU A 11 -0.28 -31.22 -11.81
N SER A 12 -1.54 -31.19 -11.42
CA SER A 12 -1.92 -31.07 -10.02
C SER A 12 -2.26 -32.48 -9.51
N ALA A 13 -1.59 -32.93 -8.46
CA ALA A 13 -1.81 -34.27 -7.96
C ALA A 13 -1.68 -34.31 -6.44
N TYR A 14 -1.87 -35.49 -5.86
CA TYR A 14 -1.76 -35.64 -4.41
C TYR A 14 -0.92 -36.84 -4.09
N ARG A 15 -0.24 -36.78 -2.95
CA ARG A 15 0.50 -37.91 -2.44
C ARG A 15 0.24 -38.05 -0.95
N GLU A 16 -0.10 -39.27 -0.52
CA GLU A 16 -0.32 -39.54 0.88
C GLU A 16 1.03 -39.80 1.54
N VAL A 17 1.35 -39.04 2.58
CA VAL A 17 2.62 -39.16 3.28
C VAL A 17 2.34 -39.25 4.78
N ASP A 18 2.70 -40.38 5.39
CA ASP A 18 2.40 -40.64 6.80
C ASP A 18 0.94 -40.28 7.14
N GLY A 19 0.04 -40.73 6.29
CA GLY A 19 -1.38 -40.58 6.56
C GLY A 19 -1.96 -39.22 6.26
N VAL A 20 -1.18 -38.35 5.63
CA VAL A 20 -1.61 -36.99 5.31
C VAL A 20 -1.56 -36.79 3.80
N LYS A 21 -2.68 -36.38 3.22
CA LYS A 21 -2.75 -36.18 1.78
C LYS A 21 -2.21 -34.79 1.41
N LEU A 22 -1.05 -34.76 0.77
CA LEU A 22 -0.44 -33.51 0.36
C LEU A 22 -0.71 -33.22 -1.11
N HIS A 23 -1.13 -31.99 -1.39
CA HIS A 23 -1.32 -31.55 -2.77
C HIS A 23 -0.01 -30.97 -3.29
N TYR A 24 0.27 -31.19 -4.57
CA TYR A 24 1.43 -30.56 -5.20
C TYR A 24 1.16 -30.33 -6.67
N VAL A 25 1.96 -29.45 -7.27
CA VAL A 25 1.92 -29.24 -8.71
C VAL A 25 3.32 -29.59 -9.22
N LYS A 26 3.39 -30.39 -10.28
CA LYS A 26 4.65 -30.92 -10.76
C LYS A 26 4.76 -30.81 -12.27
N GLY A 27 5.98 -30.51 -12.74
CA GLY A 27 6.25 -30.46 -14.17
C GLY A 27 7.74 -30.48 -14.45
N GLY A 28 8.10 -30.69 -15.70
CA GLY A 28 9.50 -30.68 -16.09
C GLY A 28 10.20 -32.02 -16.02
N GLN A 29 11.50 -32.00 -16.32
CA GLN A 29 12.32 -33.21 -16.35
C GLN A 29 13.70 -32.86 -15.85
N GLY A 30 14.42 -33.85 -15.31
CA GLY A 30 15.74 -33.61 -14.78
C GLY A 30 15.78 -33.72 -13.26
N PRO A 31 16.89 -33.28 -12.64
CA PRO A 31 17.02 -33.32 -11.18
C PRO A 31 15.87 -32.58 -10.50
N LEU A 32 15.48 -33.03 -9.31
CA LEU A 32 14.31 -32.49 -8.64
C LEU A 32 14.60 -31.21 -7.88
N VAL A 33 13.72 -30.22 -8.03
CA VAL A 33 13.72 -29.03 -7.20
CA VAL A 33 13.72 -29.05 -7.17
C VAL A 33 12.36 -28.92 -6.53
N MET A 34 12.34 -28.77 -5.21
CA MET A 34 11.10 -28.59 -4.48
C MET A 34 10.99 -27.12 -4.04
N LEU A 35 9.85 -26.50 -4.34
CA LEU A 35 9.59 -25.10 -3.98
C LEU A 35 8.52 -25.07 -2.90
N VAL A 36 8.83 -24.44 -1.77
CA VAL A 36 7.92 -24.44 -0.61
C VAL A 36 7.47 -23.03 -0.23
N HIS A 37 6.17 -22.82 -0.32
CA HIS A 37 5.56 -21.50 -0.09
C HIS A 37 5.47 -21.15 1.40
N GLY A 38 4.96 -19.95 1.67
CA GLY A 38 4.82 -19.46 3.03
C GLY A 38 3.43 -18.97 3.40
N PHE A 39 3.35 -18.18 4.46
CA PHE A 39 2.08 -17.79 5.04
C PHE A 39 1.29 -16.88 4.11
N GLY A 40 -0.02 -17.12 4.02
CA GLY A 40 -0.90 -16.27 3.24
C GLY A 40 -1.04 -16.74 1.82
N GLN A 41 -0.20 -17.71 1.46
CA GLN A 41 -0.13 -18.16 0.07
C GLN A 41 -0.16 -19.69 -0.05
N THR A 42 0.10 -20.19 -1.26
CA THR A 42 0.06 -21.61 -1.58
C THR A 42 1.13 -21.85 -2.63
N TRP A 43 1.15 -23.04 -3.22
CA TRP A 43 2.10 -23.37 -4.29
C TRP A 43 2.09 -22.28 -5.38
N TYR A 44 0.95 -21.61 -5.54
CA TYR A 44 0.74 -20.67 -6.63
C TYR A 44 1.73 -19.50 -6.67
N GLU A 45 2.33 -19.14 -5.53
CA GLU A 45 3.28 -18.04 -5.56
C GLU A 45 4.44 -18.32 -6.52
N TRP A 46 4.67 -19.61 -6.77
CA TRP A 46 5.78 -20.07 -7.61
C TRP A 46 5.39 -20.22 -9.09
N HIS A 47 4.16 -19.89 -9.45
CA HIS A 47 3.65 -20.30 -10.77
C HIS A 47 4.37 -19.63 -11.96
N GLN A 48 5.01 -18.49 -11.72
CA GLN A 48 5.75 -17.80 -12.78
C GLN A 48 7.18 -18.34 -12.91
N LEU A 49 7.75 -18.77 -11.80
CA LEU A 49 9.09 -19.35 -11.79
C LEU A 49 9.08 -20.78 -12.32
N MET A 50 8.00 -21.50 -12.06
CA MET A 50 7.94 -22.94 -12.38
C MET A 50 8.22 -23.33 -13.83
N PRO A 51 7.58 -22.68 -14.82
CA PRO A 51 7.82 -23.09 -16.22
C PRO A 51 9.28 -22.88 -16.63
N GLU A 52 9.91 -21.83 -16.09
CA GLU A 52 11.31 -21.54 -16.40
C GLU A 52 12.23 -22.61 -15.81
N LEU A 53 12.03 -22.93 -14.55
CA LEU A 53 12.78 -24.01 -13.90
C LEU A 53 12.57 -25.36 -14.56
N ALA A 54 11.35 -25.62 -15.01
CA ALA A 54 11.00 -26.91 -15.59
C ALA A 54 11.73 -27.20 -16.90
N LYS A 55 12.40 -26.20 -17.46
CA LYS A 55 13.20 -26.41 -18.66
C LYS A 55 14.47 -27.17 -18.34
N ARG A 56 14.86 -27.13 -17.06
CA ARG A 56 16.13 -27.72 -16.63
C ARG A 56 15.97 -28.73 -15.51
N PHE A 57 14.82 -28.71 -14.85
CA PHE A 57 14.59 -29.51 -13.64
C PHE A 57 13.20 -30.13 -13.62
N THR A 58 13.07 -31.23 -12.86
CA THR A 58 11.75 -31.67 -12.43
C THR A 58 11.36 -30.77 -11.25
N VAL A 59 10.23 -30.09 -11.37
CA VAL A 59 9.83 -29.12 -10.36
C VAL A 59 8.58 -29.59 -9.63
N ILE A 60 8.62 -29.59 -8.31
CA ILE A 60 7.43 -29.86 -7.51
CA ILE A 60 7.43 -29.86 -7.51
C ILE A 60 7.17 -28.72 -6.52
N ALA A 61 5.91 -28.33 -6.42
CA ALA A 61 5.53 -27.26 -5.51
C ALA A 61 4.36 -27.73 -4.68
N PRO A 62 4.63 -28.19 -3.44
CA PRO A 62 3.55 -28.68 -2.59
C PRO A 62 2.83 -27.56 -1.83
N ASP A 63 1.61 -27.84 -1.40
CA ASP A 63 0.93 -27.00 -0.43
C ASP A 63 1.34 -27.50 0.96
N LEU A 64 1.69 -26.58 1.85
CA LEU A 64 2.04 -26.95 3.23
C LEU A 64 0.85 -27.61 3.90
N PRO A 65 1.10 -28.55 4.81
CA PRO A 65 0.00 -29.24 5.50
C PRO A 65 -1.05 -28.27 6.05
N GLY A 66 -2.31 -28.52 5.73
CA GLY A 66 -3.41 -27.68 6.17
C GLY A 66 -3.71 -26.48 5.26
N LEU A 67 -2.74 -26.09 4.45
CA LEU A 67 -2.89 -24.94 3.56
C LEU A 67 -3.12 -25.39 2.14
N GLY A 68 -3.60 -24.48 1.28
CA GLY A 68 -3.95 -24.85 -0.08
C GLY A 68 -4.85 -26.08 -0.06
N GLN A 69 -4.48 -27.09 -0.84
CA GLN A 69 -5.29 -28.31 -0.93
C GLN A 69 -4.66 -29.49 -0.17
N SER A 70 -3.76 -29.18 0.76
CA SER A 70 -3.13 -30.23 1.58
C SER A 70 -3.86 -30.43 2.90
N GLU A 71 -3.97 -31.70 3.32
CA GLU A 71 -4.57 -32.00 4.61
C GLU A 71 -3.70 -31.49 5.75
N PRO A 72 -4.32 -31.16 6.90
CA PRO A 72 -3.53 -30.79 8.09
C PRO A 72 -2.60 -31.93 8.52
N PRO A 73 -1.50 -31.57 9.21
CA PRO A 73 -0.57 -32.61 9.67
C PRO A 73 -1.24 -33.42 10.79
N LYS A 74 -0.86 -34.67 10.93
CA LYS A 74 -1.41 -35.51 11.99
C LYS A 74 -0.52 -35.52 13.23
N THR A 75 0.76 -35.20 13.06
CA THR A 75 1.65 -35.10 14.20
C THR A 75 1.54 -33.73 14.88
N GLY A 76 1.93 -32.69 14.16
CA GLY A 76 1.87 -31.34 14.71
C GLY A 76 2.48 -30.34 13.75
N TYR A 77 2.55 -29.08 14.17
CA TYR A 77 2.92 -28.00 13.26
C TYR A 77 4.33 -27.43 13.50
N SER A 78 5.06 -28.01 14.43
CA SER A 78 6.44 -27.60 14.66
C SER A 78 7.29 -27.89 13.43
N GLY A 79 8.41 -27.18 13.30
CA GLY A 79 9.24 -27.29 12.11
C GLY A 79 9.69 -28.71 11.88
N GLU A 80 10.13 -29.37 12.95
CA GLU A 80 10.65 -30.71 12.82
C GLU A 80 9.57 -31.68 12.36
N GLN A 81 8.35 -31.51 12.86
CA GLN A 81 7.23 -32.37 12.52
C GLN A 81 6.81 -32.23 11.05
N VAL A 82 6.67 -30.99 10.61
CA VAL A 82 6.23 -30.72 9.25
C VAL A 82 7.31 -31.09 8.24
N ALA A 83 8.57 -30.86 8.60
CA ALA A 83 9.68 -31.18 7.71
C ALA A 83 9.72 -32.65 7.30
N VAL A 84 9.25 -33.54 8.18
CA VAL A 84 9.18 -34.98 7.85
C VAL A 84 8.30 -35.21 6.63
N TYR A 85 7.12 -34.60 6.63
CA TYR A 85 6.23 -34.75 5.49
C TYR A 85 6.87 -34.25 4.20
N LEU A 86 7.51 -33.09 4.26
CA LEU A 86 8.08 -32.51 3.05
C LEU A 86 9.30 -33.31 2.56
N HIS A 87 10.12 -33.78 3.50
CA HIS A 87 11.28 -34.60 3.14
C HIS A 87 10.85 -35.91 2.46
N LYS A 88 9.89 -36.61 3.06
CA LYS A 88 9.40 -37.85 2.48
C LYS A 88 8.76 -37.63 1.12
N LEU A 89 8.03 -36.52 0.96
CA LEU A 89 7.39 -36.19 -0.31
C LEU A 89 8.45 -36.07 -1.39
N ALA A 90 9.45 -35.23 -1.12
CA ALA A 90 10.53 -35.03 -2.08
C ALA A 90 11.23 -36.33 -2.43
N ARG A 91 11.51 -37.13 -1.40
CA ARG A 91 12.27 -38.36 -1.60
C ARG A 91 11.49 -39.42 -2.36
N GLN A 92 10.17 -39.28 -2.44
CA GLN A 92 9.39 -40.19 -3.27
C GLN A 92 9.73 -39.95 -4.73
N PHE A 93 9.92 -38.67 -5.07
CA PHE A 93 10.22 -38.30 -6.45
C PHE A 93 11.73 -38.37 -6.76
N SER A 94 12.55 -38.33 -5.72
CA SER A 94 14.01 -38.38 -5.89
C SER A 94 14.66 -39.31 -4.86
N PRO A 95 14.39 -40.62 -4.96
CA PRO A 95 14.83 -41.57 -3.92
C PRO A 95 16.32 -41.89 -3.95
N ASP A 96 16.99 -41.69 -5.09
CA ASP A 96 18.38 -42.11 -5.24
C ASP A 96 19.35 -40.96 -5.52
N ARG A 97 18.84 -39.73 -5.56
CA ARG A 97 19.69 -38.56 -5.86
C ARG A 97 19.27 -37.42 -4.94
N PRO A 98 20.23 -36.54 -4.60
CA PRO A 98 19.89 -35.35 -3.81
C PRO A 98 19.01 -34.41 -4.63
N PHE A 99 18.23 -33.57 -3.94
CA PHE A 99 17.37 -32.63 -4.65
C PHE A 99 17.65 -31.20 -4.19
N ASP A 100 17.17 -30.24 -4.97
CA ASP A 100 17.31 -28.81 -4.62
C ASP A 100 16.07 -28.32 -3.88
N LEU A 101 16.26 -27.32 -3.02
CA LEU A 101 15.18 -26.77 -2.22
C LEU A 101 15.15 -25.25 -2.29
N VAL A 102 13.97 -24.70 -2.56
CA VAL A 102 13.74 -23.26 -2.50
C VAL A 102 12.59 -23.04 -1.54
N ALA A 103 12.74 -22.16 -0.57
CA ALA A 103 11.67 -21.97 0.40
C ALA A 103 11.51 -20.51 0.76
N HIS A 104 10.27 -20.09 0.97
CA HIS A 104 9.91 -18.71 1.23
C HIS A 104 9.14 -18.66 2.55
N ASP A 105 9.49 -17.72 3.42
CA ASP A 105 8.67 -17.44 4.60
C ASP A 105 8.59 -18.67 5.49
N ILE A 106 7.41 -19.08 5.95
CA ILE A 106 7.35 -20.23 6.85
C ILE A 106 7.72 -21.55 6.16
N GLY A 107 7.85 -21.52 4.84
CA GLY A 107 8.48 -22.64 4.14
C GLY A 107 9.87 -22.94 4.69
N ILE A 108 10.57 -21.91 5.15
CA ILE A 108 11.88 -22.09 5.81
C ILE A 108 11.73 -22.82 7.13
N TRP A 109 10.77 -22.38 7.94
CA TRP A 109 10.53 -23.02 9.23
C TRP A 109 10.27 -24.51 9.04
N ASN A 110 9.54 -24.82 7.99
CA ASN A 110 9.06 -26.18 7.76
C ASN A 110 9.99 -27.07 6.97
N THR A 111 11.16 -26.55 6.61
CA THR A 111 12.14 -27.35 5.89
C THR A 111 13.51 -27.38 6.55
N TYR A 112 13.84 -26.36 7.34
CA TYR A 112 15.18 -26.34 7.93
C TYR A 112 15.55 -27.63 8.67
N PRO A 113 14.65 -28.16 9.53
CA PRO A 113 15.05 -29.39 10.24
C PRO A 113 15.35 -30.56 9.32
N MET A 114 14.65 -30.71 8.20
CA MET A 114 14.96 -31.86 7.34
C MET A 114 16.25 -31.64 6.54
N VAL A 115 16.59 -30.37 6.29
CA VAL A 115 17.87 -30.05 5.65
C VAL A 115 19.03 -30.41 6.56
N VAL A 116 18.97 -29.97 7.81
CA VAL A 116 20.09 -30.19 8.72
C VAL A 116 20.22 -31.66 9.09
N LYS A 117 19.10 -32.38 9.12
CA LYS A 117 19.11 -33.79 9.51
C LYS A 117 19.39 -34.75 8.35
N ASN A 118 19.27 -34.24 7.12
CA ASN A 118 19.50 -35.04 5.91
C ASN A 118 20.32 -34.29 4.89
N GLN A 119 21.47 -33.77 5.32
CA GLN A 119 22.28 -32.90 4.47
C GLN A 119 22.66 -33.51 3.12
N ALA A 120 22.91 -34.82 3.11
CA ALA A 120 23.28 -35.48 1.86
C ALA A 120 22.15 -35.51 0.82
N ASP A 121 20.91 -35.31 1.27
CA ASP A 121 19.76 -35.30 0.35
C ASP A 121 19.52 -33.94 -0.31
N ILE A 122 20.18 -32.91 0.20
CA ILE A 122 20.01 -31.54 -0.32
C ILE A 122 21.25 -31.07 -1.09
N ALA A 123 21.11 -30.96 -2.41
CA ALA A 123 22.22 -30.54 -3.25
C ALA A 123 22.53 -29.06 -3.08
N ARG A 124 21.50 -28.23 -3.25
CA ARG A 124 21.63 -26.79 -3.18
C ARG A 124 20.37 -26.20 -2.56
N LEU A 125 20.50 -25.07 -1.90
CA LEU A 125 19.44 -24.53 -1.06
C LEU A 125 19.27 -23.04 -1.30
N VAL A 126 18.02 -22.60 -1.45
CA VAL A 126 17.69 -21.18 -1.53
C VAL A 126 16.62 -20.85 -0.50
N TYR A 127 16.93 -19.91 0.38
CA TYR A 127 16.00 -19.48 1.41
C TYR A 127 15.70 -17.99 1.24
N MET A 128 14.44 -17.62 1.28
CA MET A 128 14.10 -16.20 1.14
C MET A 128 13.06 -15.73 2.14
N GLU A 129 13.32 -14.58 2.73
CA GLU A 129 12.26 -13.83 3.42
C GLU A 129 11.56 -14.53 4.59
N ALA A 130 12.37 -14.98 5.56
CA ALA A 130 11.90 -15.33 6.90
C ALA A 130 13.09 -15.69 7.78
N PRO A 131 12.98 -15.40 9.08
CA PRO A 131 14.02 -15.89 9.98
C PRO A 131 13.88 -17.40 10.16
N ILE A 132 15.00 -18.11 10.25
CA ILE A 132 14.98 -19.46 10.79
C ILE A 132 14.59 -19.30 12.25
N PRO A 133 13.68 -20.15 12.74
CA PRO A 133 13.26 -19.95 14.13
C PRO A 133 14.40 -20.16 15.12
N ASP A 134 14.81 -19.07 15.76
CA ASP A 134 15.77 -19.15 16.87
C ASP A 134 15.58 -17.95 17.79
N ALA A 135 16.47 -17.79 18.75
CA ALA A 135 16.32 -16.72 19.75
C ALA A 135 16.34 -15.31 19.18
N ARG A 136 16.83 -15.15 17.96
CA ARG A 136 16.84 -13.83 17.32
C ARG A 136 15.43 -13.26 17.20
N ILE A 137 14.45 -14.14 17.02
CA ILE A 137 13.06 -13.69 16.86
C ILE A 137 12.50 -12.98 18.10
N TYR A 138 13.10 -13.23 19.26
CA TYR A 138 12.66 -12.58 20.50
C TYR A 138 13.16 -11.15 20.59
N ARG A 139 13.97 -10.72 19.62
CA ARG A 139 14.52 -9.37 19.68
C ARG A 139 13.80 -8.41 18.72
N PHE A 140 12.95 -8.93 17.84
CA PHE A 140 12.25 -8.09 16.89
CA PHE A 140 12.25 -8.09 16.86
C PHE A 140 11.28 -7.20 17.64
N PRO A 141 11.14 -5.93 17.22
CA PRO A 141 10.29 -5.02 18.01
C PRO A 141 8.79 -5.16 17.74
N ALA A 142 8.01 -4.88 18.78
CA ALA A 142 6.56 -4.91 18.70
C ALA A 142 6.03 -3.71 17.93
N PHE A 143 6.78 -2.62 17.95
CA PHE A 143 6.30 -1.36 17.37
C PHE A 143 7.51 -0.55 16.90
N THR A 144 7.39 0.15 15.79
CA THR A 144 8.51 0.93 15.29
C THR A 144 8.18 2.41 15.11
N ALA A 145 9.22 3.20 14.92
CA ALA A 145 9.06 4.65 14.76
C ALA A 145 8.34 5.00 13.45
N GLN A 146 8.17 4.01 12.57
CA GLN A 146 7.38 4.18 11.34
C GLN A 146 5.93 3.70 11.49
N GLY A 147 5.66 2.98 12.59
CA GLY A 147 4.35 2.40 12.83
C GLY A 147 4.39 0.88 12.97
N GLU A 148 3.39 0.23 12.39
CA GLU A 148 3.26 -1.23 12.37
C GLU A 148 4.58 -1.96 12.15
N SER A 149 4.98 -2.80 13.10
CA SER A 149 6.23 -3.55 12.94
C SER A 149 5.99 -4.74 12.02
N LEU A 150 7.05 -5.39 11.61
CA LEU A 150 7.17 -6.54 10.62
CA LEU A 150 6.85 -6.43 10.59
C LEU A 150 6.46 -7.79 11.15
N VAL A 151 6.77 -8.07 12.43
CA VAL A 151 6.39 -9.36 13.02
C VAL A 151 5.41 -9.34 14.17
N TRP A 152 4.66 -8.27 14.37
CA TRP A 152 3.72 -8.25 15.51
C TRP A 152 2.70 -9.36 15.42
N HIS A 153 2.44 -9.82 14.20
CA HIS A 153 1.46 -10.87 13.97
C HIS A 153 1.88 -12.20 14.60
N PHE A 154 3.17 -12.36 14.89
CA PHE A 154 3.64 -13.57 15.58
C PHE A 154 2.83 -13.76 16.87
N SER A 155 2.66 -12.68 17.63
CA SER A 155 1.92 -12.78 18.89
C SER A 155 0.40 -12.90 18.69
N PHE A 156 -0.14 -12.14 17.73
CA PHE A 156 -1.56 -12.21 17.37
C PHE A 156 -1.93 -13.65 17.01
N PHE A 157 -1.14 -14.25 16.13
CA PHE A 157 -1.45 -15.59 15.63
C PHE A 157 -1.19 -16.65 16.72
N ALA A 158 -0.21 -16.39 17.59
CA ALA A 158 0.11 -17.36 18.64
C ALA A 158 -0.84 -17.28 19.84
N ALA A 159 -1.61 -16.20 19.94
CA ALA A 159 -2.47 -15.97 21.11
C ALA A 159 -3.45 -17.12 21.36
N ASP A 160 -3.72 -17.39 22.63
CA ASP A 160 -4.67 -18.43 23.04
C ASP A 160 -6.11 -18.05 22.68
N ASP A 161 -7.04 -18.94 23.02
CA ASP A 161 -8.48 -18.69 22.86
C ASP A 161 -8.91 -18.56 21.40
N ARG A 162 -8.08 -19.05 20.48
CA ARG A 162 -8.32 -18.90 19.04
C ARG A 162 -8.63 -17.44 18.71
N LEU A 163 -7.89 -16.54 19.33
CA LEU A 163 -8.11 -15.09 19.13
C LEU A 163 -8.08 -14.73 17.66
N ALA A 164 -7.07 -15.18 16.93
CA ALA A 164 -6.95 -14.80 15.53
C ALA A 164 -8.06 -15.34 14.63
N GLU A 165 -8.38 -16.65 14.73
CA GLU A 165 -9.50 -17.20 13.95
C GLU A 165 -10.80 -16.50 14.27
N THR A 166 -11.00 -16.18 15.55
CA THR A 166 -12.27 -15.61 15.99
C THR A 166 -12.47 -14.22 15.40
N LEU A 167 -11.40 -13.43 15.37
CA LEU A 167 -11.47 -12.09 14.80
C LEU A 167 -11.47 -12.10 13.26
N ILE A 168 -10.72 -13.03 12.67
CA ILE A 168 -10.51 -12.98 11.21
C ILE A 168 -11.58 -13.73 10.40
N ALA A 169 -12.20 -14.75 10.99
CA ALA A 169 -13.24 -15.51 10.28
C ALA A 169 -14.32 -14.57 9.73
N GLY A 170 -14.64 -14.71 8.46
CA GLY A 170 -15.60 -13.83 7.81
C GLY A 170 -14.99 -12.55 7.25
N LYS A 171 -13.75 -12.27 7.62
CA LYS A 171 -13.05 -11.08 7.14
CA LYS A 171 -13.04 -11.07 7.17
C LYS A 171 -11.67 -11.45 6.59
N GLU A 172 -11.58 -12.68 6.07
CA GLU A 172 -10.31 -13.22 5.58
C GLU A 172 -9.75 -12.42 4.41
N ARG A 173 -10.63 -12.06 3.49
CA ARG A 173 -10.23 -11.32 2.32
C ARG A 173 -9.70 -9.91 2.68
N PHE A 174 -10.41 -9.23 3.58
CA PHE A 174 -9.96 -7.94 4.10
C PHE A 174 -8.62 -8.05 4.80
N PHE A 175 -8.53 -9.02 5.72
CA PHE A 175 -7.31 -9.19 6.47
C PHE A 175 -6.10 -9.48 5.56
N LEU A 176 -6.26 -10.42 4.64
CA LEU A 176 -5.12 -10.81 3.81
C LEU A 176 -4.63 -9.67 2.93
N GLU A 177 -5.55 -8.87 2.39
CA GLU A 177 -5.12 -7.72 1.60
C GLU A 177 -4.28 -6.78 2.45
N HIS A 178 -4.73 -6.52 3.68
CA HIS A 178 -3.95 -5.66 4.56
C HIS A 178 -2.58 -6.26 4.89
N PHE A 179 -2.56 -7.54 5.25
CA PHE A 179 -1.32 -8.20 5.61
C PHE A 179 -0.33 -8.19 4.44
N ILE A 180 -0.81 -8.57 3.26
CA ILE A 180 0.09 -8.67 2.12
C ILE A 180 0.61 -7.28 1.73
N LYS A 181 -0.30 -6.32 1.58
CA LYS A 181 0.15 -4.99 1.13
C LYS A 181 1.04 -4.29 2.17
N SER A 182 0.77 -4.51 3.45
CA SER A 182 1.61 -3.90 4.49
C SER A 182 3.02 -4.46 4.52
N HIS A 183 3.22 -5.64 3.93
CA HIS A 183 4.53 -6.26 3.87
C HIS A 183 5.13 -6.16 2.47
N ALA A 184 4.56 -5.29 1.64
CA ALA A 184 5.01 -5.12 0.26
C ALA A 184 5.61 -3.75 -0.01
N SER A 185 6.51 -3.70 -1.00
CA SER A 185 7.03 -2.45 -1.55
C SER A 185 6.29 -2.15 -2.85
N ASN A 186 6.25 -3.14 -3.74
CA ASN A 186 5.48 -3.03 -4.97
C ASN A 186 4.07 -3.59 -4.78
N THR A 187 3.18 -2.81 -4.17
CA THR A 187 1.86 -3.31 -3.83
C THR A 187 0.99 -3.54 -5.07
N GLU A 188 1.33 -2.87 -6.16
CA GLU A 188 0.51 -2.86 -7.37
C GLU A 188 0.29 -4.24 -8.00
N VAL A 189 1.18 -5.19 -7.71
CA VAL A 189 1.05 -6.54 -8.25
C VAL A 189 -0.07 -7.33 -7.57
N PHE A 190 -0.52 -6.86 -6.42
CA PHE A 190 -1.59 -7.55 -5.73
C PHE A 190 -2.96 -7.03 -6.13
N SER A 191 -3.37 -7.42 -7.33
CA SER A 191 -4.67 -7.08 -7.88
C SER A 191 -5.75 -7.70 -7.02
N GLU A 192 -6.95 -7.13 -7.12
CA GLU A 192 -8.09 -7.68 -6.41
C GLU A 192 -8.33 -9.13 -6.83
N ARG A 193 -8.08 -9.42 -8.11
CA ARG A 193 -8.27 -10.77 -8.65
C ARG A 193 -7.34 -11.77 -7.98
N LEU A 194 -6.06 -11.40 -7.87
CA LEU A 194 -5.07 -12.27 -7.23
C LEU A 194 -5.35 -12.44 -5.72
N LEU A 195 -5.69 -11.35 -5.05
CA LEU A 195 -6.05 -11.42 -3.63
C LEU A 195 -7.28 -12.30 -3.42
N ASP A 196 -8.26 -12.23 -4.32
CA ASP A 196 -9.42 -13.10 -4.22
C ASP A 196 -8.99 -14.57 -4.21
N LEU A 197 -8.07 -14.95 -5.10
CA LEU A 197 -7.62 -16.33 -5.19
C LEU A 197 -6.98 -16.81 -3.88
N TYR A 198 -6.04 -16.02 -3.37
CA TYR A 198 -5.39 -16.39 -2.11
C TYR A 198 -6.35 -16.43 -0.93
N ALA A 199 -7.26 -15.44 -0.85
CA ALA A 199 -8.16 -15.36 0.29
C ALA A 199 -9.14 -16.53 0.30
N ARG A 200 -9.62 -16.94 -0.87
CA ARG A 200 -10.60 -18.02 -0.90
C ARG A 200 -9.97 -19.30 -0.39
N SER A 201 -8.68 -19.47 -0.63
CA SER A 201 -7.99 -20.68 -0.18
C SER A 201 -7.80 -20.69 1.34
N TYR A 202 -7.27 -19.62 1.89
CA TYR A 202 -6.97 -19.65 3.33
C TYR A 202 -8.21 -19.41 4.21
N ALA A 203 -9.33 -19.06 3.59
CA ALA A 203 -10.62 -18.93 4.29
C ALA A 203 -11.28 -20.26 4.62
N LYS A 204 -10.84 -21.35 3.99
CA LYS A 204 -11.33 -22.68 4.39
C LYS A 204 -11.02 -22.77 5.88
N PRO A 205 -12.01 -23.15 6.71
CA PRO A 205 -11.78 -23.04 8.15
C PRO A 205 -10.56 -23.83 8.64
N HIS A 206 -10.32 -25.01 8.10
CA HIS A 206 -9.14 -25.78 8.51
C HIS A 206 -7.85 -25.10 8.07
N SER A 207 -7.91 -24.33 6.99
CA SER A 207 -6.72 -23.64 6.49
C SER A 207 -6.41 -22.38 7.29
N LEU A 208 -7.47 -21.67 7.69
CA LEU A 208 -7.31 -20.50 8.54
C LEU A 208 -6.70 -20.94 9.88
N ASN A 209 -7.23 -22.01 10.45
CA ASN A 209 -6.65 -22.53 11.67
C ASN A 209 -5.24 -23.06 11.49
N ALA A 210 -5.01 -23.85 10.43
CA ALA A 210 -3.66 -24.37 10.16
C ALA A 210 -2.63 -23.25 10.08
N SER A 211 -2.98 -22.16 9.39
CA SER A 211 -2.08 -21.00 9.27
C SER A 211 -1.55 -20.57 10.63
N PHE A 212 -2.44 -20.45 11.61
CA PHE A 212 -2.06 -19.92 12.91
C PHE A 212 -1.36 -20.95 13.78
N GLU A 213 -1.62 -22.24 13.51
CA GLU A 213 -0.99 -23.29 14.29
C GLU A 213 0.54 -23.30 14.06
N TYR A 214 0.97 -22.90 12.88
CA TYR A 214 2.41 -22.78 12.61
C TYR A 214 3.05 -21.80 13.59
N TYR A 215 2.30 -20.75 13.94
CA TYR A 215 2.81 -19.73 14.85
C TYR A 215 2.68 -20.18 16.30
N ARG A 216 1.61 -20.94 16.60
CA ARG A 216 1.45 -21.55 17.92
C ARG A 216 2.55 -22.58 18.23
N ALA A 217 3.19 -23.09 17.18
CA ALA A 217 4.28 -24.05 17.35
C ALA A 217 5.66 -23.40 17.20
N LEU A 218 5.70 -22.08 16.99
CA LEU A 218 6.96 -21.38 16.77
C LEU A 218 7.97 -21.54 17.91
N ASN A 219 7.54 -21.39 19.16
CA ASN A 219 8.48 -21.56 20.28
C ASN A 219 9.02 -22.99 20.36
N GLU A 220 8.17 -23.96 20.04
CA GLU A 220 8.64 -25.34 19.96
C GLU A 220 9.71 -25.48 18.87
N SER A 221 9.47 -24.84 17.72
CA SER A 221 10.45 -24.89 16.62
C SER A 221 11.78 -24.26 17.04
N VAL A 222 11.71 -23.14 17.78
CA VAL A 222 12.91 -22.51 18.30
C VAL A 222 13.68 -23.48 19.21
N ARG A 223 12.98 -24.16 20.11
CA ARG A 223 13.64 -25.12 20.99
C ARG A 223 14.28 -26.26 20.20
N GLN A 224 13.55 -26.75 19.20
CA GLN A 224 14.07 -27.81 18.34
C GLN A 224 15.36 -27.37 17.63
N ASN A 225 15.33 -26.16 17.06
CA ASN A 225 16.44 -25.65 16.26
C ASN A 225 17.69 -25.33 17.08
N ALA A 226 17.51 -25.10 18.38
CA ALA A 226 18.65 -24.83 19.26
C ALA A 226 19.59 -26.04 19.31
N GLU A 227 19.00 -27.23 19.25
CA GLU A 227 19.77 -28.47 19.19
C GLU A 227 20.30 -28.72 17.78
N LEU A 228 19.42 -28.61 16.80
CA LEU A 228 19.78 -28.94 15.42
C LEU A 228 20.94 -28.09 14.90
N ALA A 229 20.97 -26.82 15.30
CA ALA A 229 21.93 -25.86 14.76
C ALA A 229 23.36 -26.09 15.24
N LYS A 230 23.56 -27.07 16.11
CA LYS A 230 24.91 -27.42 16.53
C LYS A 230 25.73 -27.99 15.37
N THR A 231 25.05 -28.29 14.26
CA THR A 231 25.72 -28.69 13.01
C THR A 231 25.41 -27.70 11.89
N ARG A 232 26.45 -27.06 11.35
CA ARG A 232 26.28 -26.11 10.25
C ARG A 232 25.98 -26.81 8.93
N LEU A 233 25.19 -26.15 8.09
CA LEU A 233 24.88 -26.66 6.76
C LEU A 233 26.09 -26.54 5.84
N GLN A 234 26.37 -27.59 5.08
CA GLN A 234 27.57 -27.66 4.27
C GLN A 234 27.34 -27.49 2.76
N MET A 235 26.08 -27.51 2.33
CA MET A 235 25.78 -27.44 0.90
C MET A 235 25.71 -25.99 0.43
N PRO A 236 25.89 -25.76 -0.89
CA PRO A 236 25.83 -24.37 -1.37
C PRO A 236 24.46 -23.77 -1.06
N THR A 237 24.45 -22.57 -0.51
CA THR A 237 23.21 -21.92 -0.12
C THR A 237 23.18 -20.47 -0.65
N MET A 238 21.99 -20.01 -1.00
CA MET A 238 21.76 -18.61 -1.35
C MET A 238 20.58 -18.07 -0.54
N THR A 239 20.71 -16.84 -0.04
CA THR A 239 19.56 -16.18 0.57
C THR A 239 19.13 -15.00 -0.26
N LEU A 240 17.82 -14.78 -0.30
CA LEU A 240 17.26 -13.56 -0.89
C LEU A 240 16.39 -12.84 0.13
N ALA A 241 16.37 -11.51 0.04
CA ALA A 241 15.53 -10.71 0.92
C ALA A 241 15.14 -9.44 0.19
N GLY A 242 13.98 -8.88 0.52
CA GLY A 242 13.59 -7.61 -0.04
C GLY A 242 14.28 -6.47 0.70
N GLY A 243 14.72 -5.45 -0.05
CA GLY A 243 15.31 -4.27 0.55
C GLY A 243 14.31 -3.15 0.76
N GLY A 244 13.11 -3.32 0.20
CA GLY A 244 12.09 -2.30 0.30
C GLY A 244 11.15 -2.50 1.49
N HIS A 245 10.10 -1.70 1.54
CA HIS A 245 9.12 -1.80 2.62
C HIS A 245 8.64 -3.23 2.82
N GLY A 246 8.70 -3.72 4.04
CA GLY A 246 8.18 -5.05 4.30
C GLY A 246 9.21 -6.17 4.18
N GLY A 247 10.39 -5.84 3.66
CA GLY A 247 11.43 -6.85 3.45
C GLY A 247 12.31 -7.08 4.68
N MET A 248 13.07 -8.18 4.67
CA MET A 248 13.93 -8.48 5.81
C MET A 248 15.32 -7.91 5.70
N GLY A 249 15.65 -7.38 4.53
CA GLY A 249 16.91 -6.66 4.35
C GLY A 249 18.13 -7.49 4.67
N THR A 250 19.08 -6.91 5.40
CA THR A 250 20.33 -7.59 5.65
C THR A 250 20.24 -8.72 6.66
N PHE A 251 19.12 -8.80 7.38
CA PHE A 251 18.96 -9.83 8.41
C PHE A 251 19.08 -11.23 7.84
N GLN A 252 18.52 -11.45 6.65
CA GLN A 252 18.42 -12.78 6.07
C GLN A 252 19.81 -13.43 5.94
N LEU A 253 20.72 -12.74 5.24
CA LEU A 253 22.08 -13.24 5.07
C LEU A 253 22.83 -13.30 6.40
N GLU A 254 22.68 -12.28 7.22
CA GLU A 254 23.44 -12.25 8.48
C GLU A 254 23.10 -13.42 9.40
N GLN A 255 21.81 -13.75 9.50
CA GLN A 255 21.42 -14.93 10.28
C GLN A 255 21.94 -16.20 9.60
N MET A 256 21.81 -16.28 8.28
CA MET A 256 22.20 -17.51 7.58
C MET A 256 23.69 -17.84 7.73
N LYS A 257 24.52 -16.82 7.88
CA LYS A 257 25.94 -17.03 8.09
C LYS A 257 26.22 -17.88 9.34
N ALA A 258 25.32 -17.80 10.31
CA ALA A 258 25.47 -18.60 11.53
C ALA A 258 25.09 -20.06 11.31
N TYR A 259 24.38 -20.32 10.22
CA TYR A 259 23.85 -21.65 9.94
C TYR A 259 24.54 -22.39 8.81
N ALA A 260 25.27 -21.66 7.96
CA ALA A 260 25.78 -22.27 6.73
C ALA A 260 27.22 -21.89 6.43
N GLU A 261 28.01 -22.86 6.01
CA GLU A 261 29.41 -22.61 5.68
C GLU A 261 29.59 -21.90 4.34
N ASP A 262 28.65 -22.16 3.43
CA ASP A 262 28.75 -21.71 2.05
C ASP A 262 27.48 -20.96 1.70
N VAL A 263 27.50 -19.63 1.88
CA VAL A 263 26.29 -18.85 1.61
C VAL A 263 26.58 -17.53 0.88
N GLU A 264 25.78 -17.24 -0.13
CA GLU A 264 25.82 -15.92 -0.74
C GLU A 264 24.44 -15.31 -0.56
N GLY A 265 24.39 -14.01 -0.35
CA GLY A 265 23.10 -13.37 -0.12
C GLY A 265 22.85 -12.19 -1.04
N HIS A 266 21.58 -11.91 -1.28
CA HIS A 266 21.20 -10.75 -2.08
C HIS A 266 20.04 -10.03 -1.43
N VAL A 267 20.10 -8.70 -1.46
CA VAL A 267 19.00 -7.88 -1.02
C VAL A 267 18.47 -7.17 -2.27
N LEU A 268 17.19 -7.36 -2.58
CA LEU A 268 16.62 -6.82 -3.81
C LEU A 268 15.95 -5.48 -3.53
N PRO A 269 16.48 -4.41 -4.14
CA PRO A 269 15.99 -3.05 -3.88
C PRO A 269 14.58 -2.88 -4.44
N GLY A 270 13.75 -2.11 -3.73
CA GLY A 270 12.42 -1.83 -4.20
C GLY A 270 11.48 -3.04 -4.18
N CYS A 271 11.85 -4.06 -3.42
CA CYS A 271 11.02 -5.25 -3.24
C CYS A 271 10.82 -5.51 -1.75
N GLY A 272 9.61 -5.90 -1.37
CA GLY A 272 9.32 -6.24 0.01
C GLY A 272 9.38 -7.72 0.29
N HIS A 273 8.38 -8.23 1.00
CA HIS A 273 8.37 -9.62 1.44
C HIS A 273 8.07 -10.62 0.32
N TRP A 274 7.22 -10.21 -0.62
CA TRP A 274 6.63 -11.13 -1.59
C TRP A 274 7.44 -11.19 -2.89
N LEU A 275 8.70 -11.62 -2.76
CA LEU A 275 9.65 -11.57 -3.89
C LEU A 275 9.15 -12.16 -5.23
N PRO A 276 8.54 -13.35 -5.22
CA PRO A 276 8.19 -13.94 -6.52
C PRO A 276 7.17 -13.11 -7.30
N GLU A 277 6.36 -12.33 -6.60
CA GLU A 277 5.34 -11.50 -7.26
C GLU A 277 5.75 -10.04 -7.44
N GLU A 278 6.40 -9.48 -6.44
CA GLU A 278 6.82 -8.08 -6.50
C GLU A 278 7.98 -7.85 -7.45
N CYS A 279 8.86 -8.84 -7.54
CA CYS A 279 10.10 -8.66 -8.28
C CYS A 279 10.45 -9.98 -8.99
N ALA A 280 9.49 -10.43 -9.80
CA ALA A 280 9.59 -11.71 -10.51
C ALA A 280 10.84 -11.85 -11.35
N ALA A 281 11.13 -10.84 -12.17
CA ALA A 281 12.25 -10.96 -13.10
C ALA A 281 13.62 -11.13 -12.39
N PRO A 282 13.99 -10.21 -11.49
CA PRO A 282 15.30 -10.46 -10.87
C PRO A 282 15.33 -11.65 -9.93
N MET A 283 14.23 -11.94 -9.23
CA MET A 283 14.21 -13.08 -8.30
C MET A 283 14.32 -14.40 -9.06
N ASN A 284 13.53 -14.53 -10.13
CA ASN A 284 13.57 -15.74 -10.93
C ASN A 284 14.99 -15.96 -11.50
N ARG A 285 15.60 -14.88 -11.97
CA ARG A 285 16.93 -14.96 -12.56
C ARG A 285 17.95 -15.44 -11.52
N LEU A 286 17.89 -14.86 -10.33
CA LEU A 286 18.82 -15.25 -9.27
C LEU A 286 18.68 -16.74 -8.91
N VAL A 287 17.44 -17.21 -8.81
CA VAL A 287 17.17 -18.60 -8.45
C VAL A 287 17.59 -19.57 -9.56
N ILE A 288 17.18 -19.29 -10.79
CA ILE A 288 17.53 -20.13 -11.93
C ILE A 288 19.05 -20.24 -12.09
N ASP A 289 19.73 -19.10 -12.02
CA ASP A 289 21.19 -19.09 -12.17
C ASP A 289 21.89 -19.88 -11.07
N PHE A 290 21.45 -19.69 -9.83
CA PHE A 290 22.07 -20.36 -8.70
C PHE A 290 21.92 -21.88 -8.78
N LEU A 291 20.71 -22.34 -9.09
CA LEU A 291 20.44 -23.76 -9.19
C LEU A 291 21.10 -24.38 -10.42
N SER A 292 21.30 -23.57 -11.45
CA SER A 292 21.91 -24.06 -12.69
C SER A 292 23.44 -24.21 -12.63
N ARG A 293 24.06 -23.78 -11.54
CA ARG A 293 25.49 -24.02 -11.35
C ARG A 293 25.77 -25.52 -11.21
N ALA B 1 -28.97 8.67 30.45
CA ALA B 1 -28.47 7.32 30.66
C ALA B 1 -27.01 7.35 31.10
N GLU B 2 -26.65 6.46 32.03
CA GLU B 2 -25.28 6.34 32.49
C GLU B 2 -24.72 4.98 32.11
N GLU B 3 -23.51 4.97 31.55
CA GLU B 3 -22.88 3.70 31.18
C GLU B 3 -22.43 2.90 32.40
N PHE B 4 -22.10 3.59 33.49
CA PHE B 4 -21.61 2.95 34.70
C PHE B 4 -22.26 3.60 35.92
N PRO B 5 -22.49 2.81 36.98
CA PRO B 5 -23.16 3.35 38.17
C PRO B 5 -22.31 4.37 38.92
N VAL B 6 -22.91 5.50 39.28
CA VAL B 6 -22.22 6.58 39.98
C VAL B 6 -22.25 6.34 41.48
N PRO B 7 -21.08 6.47 42.15
CA PRO B 7 -21.06 6.26 43.61
C PRO B 7 -21.90 7.28 44.36
N ASN B 8 -22.40 6.92 45.54
CA ASN B 8 -23.16 7.85 46.36
C ASN B 8 -22.36 9.11 46.67
N GLY B 9 -23.01 10.26 46.58
CA GLY B 9 -22.35 11.51 46.87
C GLY B 9 -21.54 12.06 45.70
N PHE B 10 -21.58 11.38 44.57
CA PHE B 10 -20.92 11.86 43.37
C PHE B 10 -21.95 12.26 42.32
N GLU B 11 -21.54 13.11 41.39
CA GLU B 11 -22.42 13.52 40.30
C GLU B 11 -21.79 13.24 38.96
N SER B 12 -22.58 12.71 38.03
CA SER B 12 -22.17 12.58 36.64
C SER B 12 -22.53 13.86 35.91
N ALA B 13 -21.54 14.51 35.29
CA ALA B 13 -21.79 15.79 34.63
C ALA B 13 -20.94 15.99 33.38
N TYR B 14 -21.16 17.12 32.71
CA TYR B 14 -20.44 17.44 31.48
C TYR B 14 -19.96 18.89 31.48
N ARG B 15 -18.81 19.13 30.87
CA ARG B 15 -18.36 20.49 30.59
C ARG B 15 -17.86 20.56 29.16
N GLU B 16 -18.17 21.67 28.50
CA GLU B 16 -17.60 21.95 27.19
C GLU B 16 -16.19 22.51 27.38
N VAL B 17 -15.23 21.91 26.69
CA VAL B 17 -13.85 22.39 26.71
C VAL B 17 -13.38 22.50 25.28
N ASP B 18 -13.08 23.71 24.84
CA ASP B 18 -12.68 23.94 23.46
C ASP B 18 -13.64 23.26 22.45
N GLY B 19 -14.94 23.37 22.70
CA GLY B 19 -15.94 22.85 21.78
C GLY B 19 -16.15 21.35 21.83
N VAL B 20 -15.55 20.69 22.82
CA VAL B 20 -15.72 19.25 23.00
C VAL B 20 -16.43 18.98 24.34
N LYS B 21 -17.52 18.22 24.29
CA LYS B 21 -18.29 17.94 25.50
C LYS B 21 -17.67 16.77 26.27
N LEU B 22 -17.03 17.07 27.40
CA LEU B 22 -16.36 16.04 28.21
C LEU B 22 -17.27 15.58 29.34
N HIS B 23 -17.31 14.27 29.55
CA HIS B 23 -18.04 13.69 30.67
C HIS B 23 -17.10 13.46 31.84
N TYR B 24 -17.59 13.67 33.05
CA TYR B 24 -16.82 13.33 34.24
C TYR B 24 -17.74 12.96 35.38
N VAL B 25 -17.16 12.34 36.40
CA VAL B 25 -17.85 12.05 37.64
C VAL B 25 -17.08 12.78 38.72
N LYS B 26 -17.80 13.54 39.54
CA LYS B 26 -17.17 14.45 40.49
C LYS B 26 -17.83 14.36 41.87
N GLY B 27 -17.00 14.45 42.90
CA GLY B 27 -17.48 14.46 44.27
C GLY B 27 -16.41 14.93 45.23
N GLY B 28 -16.79 15.16 46.48
CA GLY B 28 -15.82 15.47 47.52
C GLY B 28 -15.65 16.96 47.78
N GLN B 29 -14.77 17.29 48.72
CA GLN B 29 -14.48 18.67 49.08
C GLN B 29 -12.99 18.77 49.33
N GLY B 30 -12.42 19.92 49.01
CA GLY B 30 -11.00 20.17 49.25
C GLY B 30 -10.26 20.39 47.96
N PRO B 31 -8.92 20.35 48.00
CA PRO B 31 -8.09 20.54 46.82
C PRO B 31 -8.45 19.50 45.78
N LEU B 32 -8.29 19.84 44.51
CA LEU B 32 -8.70 18.95 43.41
C LEU B 32 -7.68 17.84 43.12
N VAL B 33 -8.20 16.63 42.94
CA VAL B 33 -7.44 15.53 42.35
C VAL B 33 -8.19 15.04 41.11
N MET B 34 -7.48 14.97 39.99
CA MET B 34 -8.06 14.44 38.75
C MET B 34 -7.49 13.04 38.51
N LEU B 35 -8.38 12.09 38.21
CA LEU B 35 -8.00 10.70 37.98
C LEU B 35 -8.31 10.36 36.53
N VAL B 36 -7.29 9.91 35.79
CA VAL B 36 -7.45 9.72 34.35
C VAL B 36 -7.21 8.28 33.95
N HIS B 37 -8.25 7.65 33.41
CA HIS B 37 -8.24 6.25 33.02
C HIS B 37 -7.47 6.02 31.74
N GLY B 38 -7.39 4.75 31.33
CA GLY B 38 -6.71 4.38 30.10
C GLY B 38 -7.53 3.50 29.17
N PHE B 39 -6.83 2.76 28.32
CA PHE B 39 -7.47 1.95 27.29
C PHE B 39 -8.35 0.81 27.82
N GLY B 40 -9.48 0.61 27.17
CA GLY B 40 -10.40 -0.47 27.48
C GLY B 40 -11.35 -0.12 28.61
N GLN B 41 -11.15 1.07 29.18
CA GLN B 41 -11.85 1.47 30.39
C GLN B 41 -12.37 2.88 30.30
N THR B 42 -12.91 3.35 31.42
CA THR B 42 -13.52 4.68 31.52
C THR B 42 -13.27 5.19 32.93
N TRP B 43 -13.89 6.31 33.29
CA TRP B 43 -13.80 6.84 34.65
C TRP B 43 -14.07 5.78 35.73
N TYR B 44 -14.89 4.79 35.38
CA TYR B 44 -15.38 3.80 36.34
C TYR B 44 -14.28 2.96 36.99
N GLU B 45 -13.11 2.86 36.35
CA GLU B 45 -12.05 2.04 36.96
C GLU B 45 -11.62 2.65 38.30
N TRP B 46 -11.88 3.95 38.46
CA TRP B 46 -11.56 4.66 39.70
C TRP B 46 -12.68 4.65 40.76
N HIS B 47 -13.77 3.94 40.52
CA HIS B 47 -14.96 4.06 41.39
C HIS B 47 -14.76 3.56 42.82
N GLN B 48 -13.77 2.70 43.04
CA GLN B 48 -13.47 2.25 44.39
C GLN B 48 -12.60 3.24 45.14
N LEU B 49 -11.68 3.89 44.43
CA LEU B 49 -10.76 4.86 45.04
C LEU B 49 -11.47 6.16 45.35
N MET B 50 -12.39 6.54 44.47
CA MET B 50 -13.06 7.83 44.56
C MET B 50 -13.70 8.20 45.91
N PRO B 51 -14.54 7.31 46.48
CA PRO B 51 -15.18 7.67 47.76
C PRO B 51 -14.16 7.88 48.90
N GLU B 52 -13.09 7.09 48.91
CA GLU B 52 -12.04 7.25 49.92
C GLU B 52 -11.30 8.58 49.75
N LEU B 53 -10.97 8.90 48.52
CA LEU B 53 -10.24 10.12 48.23
C LEU B 53 -11.12 11.34 48.50
N ALA B 54 -12.42 11.18 48.30
CA ALA B 54 -13.36 12.28 48.45
C ALA B 54 -13.53 12.73 49.90
N LYS B 55 -12.97 11.97 50.83
CA LYS B 55 -12.99 12.35 52.24
C LYS B 55 -12.05 13.52 52.50
N ARG B 56 -11.08 13.71 51.60
CA ARG B 56 -10.02 14.70 51.83
C ARG B 56 -9.84 15.65 50.66
N PHE B 57 -10.34 15.27 49.48
CA PHE B 57 -10.15 16.05 48.27
C PHE B 57 -11.45 16.19 47.47
N THR B 58 -11.51 17.19 46.59
CA THR B 58 -12.50 17.19 45.52
C THR B 58 -11.96 16.28 44.44
N VAL B 59 -12.75 15.31 44.03
CA VAL B 59 -12.27 14.31 43.08
C VAL B 59 -13.01 14.40 41.76
N ILE B 60 -12.28 14.48 40.66
CA ILE B 60 -12.89 14.45 39.35
C ILE B 60 -12.27 13.36 38.47
N ALA B 61 -13.12 12.56 37.85
CA ALA B 61 -12.65 11.48 36.98
C ALA B 61 -13.32 11.64 35.64
N PRO B 62 -12.60 12.19 34.65
CA PRO B 62 -13.17 12.39 33.31
C PRO B 62 -13.05 11.16 32.44
N ASP B 63 -13.94 11.06 31.45
CA ASP B 63 -13.75 10.13 30.35
C ASP B 63 -12.85 10.78 29.29
N LEU B 64 -11.84 10.05 28.82
CA LEU B 64 -10.93 10.57 27.78
C LEU B 64 -11.78 10.88 26.56
N PRO B 65 -11.38 11.90 25.78
CA PRO B 65 -12.11 12.27 24.57
C PRO B 65 -12.37 11.06 23.67
N GLY B 66 -13.63 10.86 23.31
CA GLY B 66 -14.02 9.81 22.40
C GLY B 66 -14.41 8.54 23.14
N LEU B 67 -14.00 8.43 24.40
CA LEU B 67 -14.26 7.23 25.20
C LEU B 67 -15.32 7.52 26.26
N GLY B 68 -15.89 6.47 26.83
CA GLY B 68 -16.97 6.63 27.79
C GLY B 68 -18.04 7.50 27.16
N GLN B 69 -18.43 8.54 27.88
CA GLN B 69 -19.46 9.46 27.41
C GLN B 69 -18.90 10.81 26.97
N SER B 70 -17.58 10.88 26.73
CA SER B 70 -16.97 12.11 26.20
C SER B 70 -16.94 12.15 24.67
N GLU B 71 -17.22 13.34 24.12
CA GLU B 71 -17.08 13.54 22.67
C GLU B 71 -15.62 13.39 22.24
N PRO B 72 -15.42 12.96 20.99
CA PRO B 72 -14.07 12.87 20.42
C PRO B 72 -13.39 14.23 20.41
N PRO B 73 -12.06 14.25 20.40
CA PRO B 73 -11.36 15.54 20.33
C PRO B 73 -11.60 16.17 18.96
N LYS B 74 -11.65 17.49 18.90
CA LYS B 74 -11.82 18.19 17.63
C LYS B 74 -10.47 18.52 17.00
N THR B 75 -9.40 18.43 17.79
CA THR B 75 -8.07 18.72 17.27
C THR B 75 -7.39 17.42 16.81
N GLY B 76 -7.16 16.49 17.74
CA GLY B 76 -6.50 15.25 17.39
C GLY B 76 -6.24 14.39 18.62
N TYR B 77 -5.65 13.22 18.41
CA TYR B 77 -5.47 12.25 19.48
C TYR B 77 -4.04 12.14 20.01
N SER B 78 -3.14 13.02 19.57
CA SER B 78 -1.79 13.02 20.08
C SER B 78 -1.79 13.51 21.53
N GLY B 79 -0.78 13.11 22.30
CA GLY B 79 -0.72 13.45 23.72
C GLY B 79 -0.82 14.94 23.99
N GLU B 80 -0.13 15.75 23.19
CA GLU B 80 -0.17 17.19 23.39
C GLU B 80 -1.55 17.78 23.11
N GLN B 81 -2.24 17.24 22.11
CA GLN B 81 -3.59 17.75 21.79
C GLN B 81 -4.60 17.34 22.86
N VAL B 82 -4.54 16.09 23.29
CA VAL B 82 -5.52 15.59 24.24
C VAL B 82 -5.31 16.22 25.60
N ALA B 83 -4.05 16.41 25.96
CA ALA B 83 -3.70 16.99 27.25
C ALA B 83 -4.28 18.41 27.45
N VAL B 84 -4.45 19.16 26.36
CA VAL B 84 -5.07 20.48 26.46
C VAL B 84 -6.47 20.38 27.07
N TYR B 85 -7.26 19.45 26.57
CA TYR B 85 -8.62 19.24 27.08
C TYR B 85 -8.62 18.90 28.56
N LEU B 86 -7.74 18.00 28.97
CA LEU B 86 -7.72 17.57 30.38
C LEU B 86 -7.21 18.68 31.29
N HIS B 87 -6.18 19.42 30.84
CA HIS B 87 -5.64 20.53 31.62
C HIS B 87 -6.70 21.62 31.81
N LYS B 88 -7.37 22.01 30.73
CA LYS B 88 -8.38 23.05 30.81
C LYS B 88 -9.59 22.61 31.64
N LEU B 89 -9.97 21.34 31.53
CA LEU B 89 -11.04 20.81 32.38
C LEU B 89 -10.67 20.94 33.86
N ALA B 90 -9.46 20.53 34.23
CA ALA B 90 -9.03 20.61 35.62
C ALA B 90 -9.03 22.05 36.11
N ARG B 91 -8.58 22.95 35.25
CA ARG B 91 -8.50 24.36 35.60
C ARG B 91 -9.86 25.03 35.78
N GLN B 92 -10.90 24.51 35.13
CA GLN B 92 -12.26 25.03 35.38
C GLN B 92 -12.63 24.83 36.85
N PHE B 93 -12.15 23.74 37.45
CA PHE B 93 -12.49 23.41 38.83
C PHE B 93 -11.44 23.80 39.87
N SER B 94 -10.21 24.04 39.41
CA SER B 94 -9.14 24.49 40.28
C SER B 94 -8.36 25.64 39.65
N PRO B 95 -9.02 26.80 39.44
CA PRO B 95 -8.38 27.92 38.75
C PRO B 95 -7.27 28.60 39.57
N ASP B 96 -7.35 28.50 40.90
CA ASP B 96 -6.51 29.32 41.77
C ASP B 96 -5.46 28.53 42.54
N ARG B 97 -5.52 27.20 42.46
CA ARG B 97 -4.61 26.32 43.20
C ARG B 97 -4.07 25.24 42.26
N PRO B 98 -2.86 24.73 42.52
CA PRO B 98 -2.47 23.53 41.76
C PRO B 98 -3.32 22.33 42.15
N PHE B 99 -3.43 21.34 41.27
CA PHE B 99 -4.22 20.16 41.55
C PHE B 99 -3.34 18.91 41.47
N ASP B 100 -3.81 17.81 42.02
CA ASP B 100 -3.10 16.53 41.91
C ASP B 100 -3.58 15.76 40.70
N LEU B 101 -2.70 14.93 40.15
CA LEU B 101 -3.06 14.14 38.99
C LEU B 101 -2.66 12.70 39.22
N VAL B 102 -3.60 11.78 38.98
CA VAL B 102 -3.35 10.36 39.04
C VAL B 102 -3.76 9.81 37.67
N ALA B 103 -2.87 9.07 37.02
CA ALA B 103 -3.18 8.54 35.68
C ALA B 103 -2.72 7.10 35.53
N HIS B 104 -3.49 6.35 34.75
CA HIS B 104 -3.24 4.93 34.51
C HIS B 104 -3.23 4.68 33.01
N ASP B 105 -2.30 3.83 32.54
CA ASP B 105 -2.31 3.39 31.16
C ASP B 105 -2.18 4.61 30.20
N ILE B 106 -2.98 4.69 29.14
CA ILE B 106 -2.83 5.80 28.21
C ILE B 106 -3.26 7.15 28.82
N GLY B 107 -3.84 7.12 30.02
CA GLY B 107 -4.04 8.37 30.75
C GLY B 107 -2.72 9.11 30.97
N ILE B 108 -1.63 8.34 31.04
CA ILE B 108 -0.29 8.92 31.11
C ILE B 108 0.07 9.66 29.80
N TRP B 109 -0.19 9.00 28.68
CA TRP B 109 0.12 9.60 27.37
C TRP B 109 -0.63 10.90 27.17
N ASN B 110 -1.84 10.93 27.72
CA ASN B 110 -2.75 12.05 27.52
C ASN B 110 -2.64 13.13 28.57
N THR B 111 -1.75 12.95 29.53
CA THR B 111 -1.53 13.99 30.53
C THR B 111 -0.08 14.52 30.60
N TYR B 112 0.90 13.68 30.27
CA TYR B 112 2.30 14.09 30.40
C TYR B 112 2.63 15.49 29.82
N PRO B 113 2.18 15.80 28.59
CA PRO B 113 2.53 17.11 28.04
C PRO B 113 1.96 18.29 28.84
N MET B 114 0.77 18.16 29.41
CA MET B 114 0.24 19.27 30.18
C MET B 114 0.89 19.39 31.55
N VAL B 115 1.36 18.27 32.10
CA VAL B 115 2.12 18.29 33.35
C VAL B 115 3.45 19.03 33.16
N VAL B 116 4.21 18.64 32.14
CA VAL B 116 5.53 19.24 31.92
C VAL B 116 5.44 20.72 31.49
N LYS B 117 4.39 21.08 30.77
CA LYS B 117 4.23 22.45 30.27
C LYS B 117 3.55 23.38 31.27
N ASN B 118 2.93 22.81 32.31
CA ASN B 118 2.25 23.62 33.32
C ASN B 118 2.57 23.12 34.71
N GLN B 119 3.86 23.03 35.03
CA GLN B 119 4.29 22.39 36.28
C GLN B 119 3.75 23.07 37.52
N ALA B 120 3.59 24.39 37.45
CA ALA B 120 3.08 25.17 38.58
C ALA B 120 1.64 24.78 38.90
N ASP B 121 0.96 24.15 37.95
CA ASP B 121 -0.44 23.76 38.14
C ASP B 121 -0.56 22.37 38.75
N ILE B 122 0.55 21.64 38.88
CA ILE B 122 0.50 20.25 39.32
C ILE B 122 1.17 20.08 40.67
N ALA B 123 0.40 19.84 41.71
CA ALA B 123 0.97 19.74 43.05
C ALA B 123 1.72 18.43 43.24
N ARG B 124 1.03 17.32 43.02
CA ARG B 124 1.61 15.99 43.17
C ARG B 124 1.13 15.11 42.02
N LEU B 125 1.97 14.15 41.62
CA LEU B 125 1.72 13.36 40.43
C LEU B 125 1.84 11.88 40.74
N VAL B 126 0.85 11.10 40.34
CA VAL B 126 0.92 9.64 40.45
C VAL B 126 0.68 9.03 39.09
N TYR B 127 1.66 8.26 38.62
CA TYR B 127 1.57 7.58 37.33
C TYR B 127 1.69 6.08 37.54
N MET B 128 0.79 5.32 36.91
CA MET B 128 0.85 3.86 37.06
C MET B 128 0.65 3.12 35.75
N GLU B 129 1.44 2.08 35.54
CA GLU B 129 1.17 1.11 34.47
C GLU B 129 1.04 1.66 33.04
N ALA B 130 2.02 2.43 32.61
CA ALA B 130 2.22 2.76 31.19
C ALA B 130 3.53 3.48 30.99
N PRO B 131 4.20 3.22 29.86
CA PRO B 131 5.36 4.03 29.54
C PRO B 131 4.93 5.43 29.14
N ILE B 132 5.69 6.45 29.55
CA ILE B 132 5.58 7.74 28.87
C ILE B 132 6.06 7.49 27.44
N PRO B 133 5.32 7.99 26.43
CA PRO B 133 5.74 7.71 25.05
C PRO B 133 7.11 8.29 24.74
N ASP B 134 8.09 7.41 24.54
CA ASP B 134 9.43 7.82 24.12
C ASP B 134 10.10 6.66 23.41
N ALA B 135 11.37 6.82 23.04
CA ALA B 135 12.04 5.80 22.22
C ALA B 135 12.15 4.43 22.89
N ARG B 136 11.93 4.37 24.19
CA ARG B 136 11.99 3.07 24.89
C ARG B 136 10.98 2.08 24.36
N ILE B 137 9.84 2.58 23.89
CA ILE B 137 8.77 1.69 23.43
C ILE B 137 9.15 0.92 22.18
N TYR B 138 10.16 1.39 21.45
CA TYR B 138 10.60 0.71 20.23
C TYR B 138 11.47 -0.51 20.52
N ARG B 139 11.76 -0.74 21.79
CA ARG B 139 12.55 -1.89 22.19
C ARG B 139 11.71 -3.06 22.72
N PHE B 140 10.43 -2.82 23.02
CA PHE B 140 9.60 -3.91 23.54
C PHE B 140 9.46 -4.97 22.47
N PRO B 141 9.66 -6.25 22.83
CA PRO B 141 9.66 -7.30 21.81
C PRO B 141 8.26 -7.66 21.30
N ALA B 142 8.21 -8.04 20.03
CA ALA B 142 6.96 -8.43 19.37
C ALA B 142 6.45 -9.76 19.89
N PHE B 143 7.36 -10.62 20.33
CA PHE B 143 7.04 -12.02 20.62
C PHE B 143 7.98 -12.51 21.72
N THR B 144 7.53 -13.45 22.53
CA THR B 144 8.34 -13.94 23.65
C THR B 144 8.43 -15.45 23.63
N ALA B 145 9.39 -15.96 24.38
CA ALA B 145 9.59 -17.40 24.53
C ALA B 145 8.40 -18.09 25.22
N GLN B 146 7.54 -17.30 25.86
CA GLN B 146 6.34 -17.82 26.51
C GLN B 146 5.10 -17.60 25.65
N GLY B 147 5.30 -17.04 24.46
CA GLY B 147 4.20 -16.83 23.54
C GLY B 147 3.85 -15.38 23.34
N GLU B 148 2.54 -15.13 23.22
CA GLU B 148 2.00 -13.79 23.00
C GLU B 148 2.63 -12.74 23.93
N SER B 149 3.19 -11.69 23.34
CA SER B 149 3.76 -10.62 24.13
C SER B 149 2.65 -9.73 24.68
N LEU B 150 3.02 -8.79 25.53
CA LEU B 150 2.03 -7.92 26.14
C LEU B 150 1.82 -6.64 25.35
N VAL B 151 2.60 -6.46 24.28
CA VAL B 151 2.66 -5.16 23.61
C VAL B 151 2.37 -5.18 22.11
N TRP B 152 2.05 -6.35 21.56
CA TRP B 152 1.84 -6.45 20.11
C TRP B 152 0.66 -5.61 19.65
N HIS B 153 -0.25 -5.31 20.57
CA HIS B 153 -1.38 -4.45 20.25
C HIS B 153 -1.00 -3.04 19.83
N PHE B 154 0.20 -2.57 20.19
CA PHE B 154 0.63 -1.24 19.74
C PHE B 154 0.57 -1.20 18.22
N SER B 155 1.08 -2.25 17.58
CA SER B 155 1.03 -2.32 16.12
C SER B 155 -0.36 -2.64 15.56
N PHE B 156 -1.08 -3.57 16.18
CA PHE B 156 -2.44 -3.92 15.75
C PHE B 156 -3.33 -2.67 15.73
N PHE B 157 -3.29 -1.93 16.83
CA PHE B 157 -4.13 -0.73 16.98
C PHE B 157 -3.66 0.45 16.10
N ALA B 158 -2.34 0.58 15.89
CA ALA B 158 -1.81 1.66 15.03
C ALA B 158 -1.98 1.41 13.53
N ALA B 159 -2.17 0.15 13.15
CA ALA B 159 -2.26 -0.22 11.73
C ALA B 159 -3.33 0.59 11.01
N ASP B 160 -3.10 0.86 9.73
CA ASP B 160 -4.10 1.55 8.93
C ASP B 160 -5.21 0.62 8.44
N ASP B 161 -5.98 1.07 7.44
CA ASP B 161 -7.13 0.31 6.93
C ASP B 161 -8.20 0.03 7.98
N ARG B 162 -8.21 0.81 9.07
CA ARG B 162 -9.08 0.51 10.21
C ARG B 162 -9.02 -0.98 10.56
N LEU B 163 -7.81 -1.53 10.54
CA LEU B 163 -7.60 -2.96 10.77
C LEU B 163 -8.25 -3.40 12.09
N ALA B 164 -7.98 -2.67 13.15
CA ALA B 164 -8.48 -3.07 14.47
C ALA B 164 -10.02 -2.94 14.57
N GLU B 165 -10.59 -1.83 14.08
CA GLU B 165 -12.04 -1.67 14.16
C GLU B 165 -12.74 -2.75 13.34
N THR B 166 -12.14 -3.07 12.20
CA THR B 166 -12.76 -3.98 11.26
C THR B 166 -12.77 -5.42 11.82
N LEU B 167 -11.67 -5.83 12.43
CA LEU B 167 -11.60 -7.18 13.00
C LEU B 167 -12.34 -7.30 14.31
N ILE B 168 -12.39 -6.22 15.09
CA ILE B 168 -12.97 -6.30 16.43
C ILE B 168 -14.49 -6.06 16.45
N ALA B 169 -15.01 -5.32 15.48
CA ALA B 169 -16.45 -5.06 15.40
C ALA B 169 -17.25 -6.37 15.37
N GLY B 170 -18.26 -6.45 16.23
CA GLY B 170 -19.05 -7.66 16.37
C GLY B 170 -18.45 -8.67 17.36
N LYS B 171 -17.23 -8.40 17.79
CA LYS B 171 -16.54 -9.26 18.75
CA LYS B 171 -16.52 -9.27 18.73
C LYS B 171 -15.85 -8.42 19.83
N GLU B 172 -16.47 -7.29 20.14
CA GLU B 172 -15.88 -6.32 21.07
C GLU B 172 -15.71 -6.91 22.47
N ARG B 173 -16.73 -7.63 22.93
CA ARG B 173 -16.71 -8.24 24.25
C ARG B 173 -15.66 -9.35 24.32
N PHE B 174 -15.64 -10.19 23.29
CA PHE B 174 -14.64 -11.25 23.19
C PHE B 174 -13.23 -10.66 23.22
N PHE B 175 -12.98 -9.64 22.40
CA PHE B 175 -11.61 -9.13 22.35
C PHE B 175 -11.19 -8.48 23.68
N LEU B 176 -12.08 -7.70 24.26
CA LEU B 176 -11.75 -6.97 25.49
C LEU B 176 -11.47 -7.92 26.63
N GLU B 177 -12.26 -8.99 26.74
CA GLU B 177 -12.00 -9.99 27.76
C GLU B 177 -10.62 -10.60 27.57
N HIS B 178 -10.27 -10.94 26.34
CA HIS B 178 -8.95 -11.50 26.08
C HIS B 178 -7.86 -10.51 26.47
N PHE B 179 -8.03 -9.26 26.04
CA PHE B 179 -7.02 -8.24 26.29
C PHE B 179 -6.85 -7.97 27.79
N ILE B 180 -7.98 -7.81 28.48
CA ILE B 180 -7.91 -7.54 29.91
C ILE B 180 -7.29 -8.71 30.67
N LYS B 181 -7.78 -9.93 30.44
CA LYS B 181 -7.28 -11.07 31.21
C LYS B 181 -5.81 -11.42 30.88
N SER B 182 -5.40 -11.21 29.64
CA SER B 182 -4.02 -11.50 29.25
C SER B 182 -3.04 -10.51 29.87
N HIS B 183 -3.55 -9.35 30.28
CA HIS B 183 -2.71 -8.38 30.97
C HIS B 183 -2.95 -8.37 32.48
N ALA B 184 -3.68 -9.35 32.99
CA ALA B 184 -4.01 -9.43 34.42
C ALA B 184 -3.26 -10.54 35.16
N SER B 185 -3.08 -10.36 36.47
CA SER B 185 -2.69 -11.47 37.35
C SER B 185 -3.94 -11.99 38.05
N ASN B 186 -4.77 -11.07 38.50
CA ASN B 186 -5.97 -11.42 39.22
C ASN B 186 -7.19 -11.26 38.31
N THR B 187 -7.48 -12.30 37.54
CA THR B 187 -8.58 -12.22 36.57
C THR B 187 -9.94 -12.26 37.22
N GLU B 188 -10.02 -12.80 38.44
CA GLU B 188 -11.29 -12.99 39.12
C GLU B 188 -12.06 -11.69 39.36
N VAL B 189 -11.36 -10.56 39.45
CA VAL B 189 -12.02 -9.29 39.72
C VAL B 189 -12.84 -8.81 38.53
N PHE B 190 -12.59 -9.40 37.35
CA PHE B 190 -13.34 -9.04 36.14
C PHE B 190 -14.53 -9.96 35.93
N SER B 191 -15.61 -9.64 36.63
CA SER B 191 -16.86 -10.40 36.52
C SER B 191 -17.44 -10.23 35.12
N GLU B 192 -18.37 -11.12 34.77
CA GLU B 192 -19.05 -11.01 33.48
C GLU B 192 -19.80 -9.68 33.40
N ARG B 193 -20.38 -9.26 34.51
CA ARG B 193 -21.04 -7.96 34.58
C ARG B 193 -20.10 -6.78 34.30
N LEU B 194 -18.93 -6.78 34.94
CA LEU B 194 -17.96 -5.70 34.73
C LEU B 194 -17.45 -5.68 33.28
N LEU B 195 -17.14 -6.86 32.74
CA LEU B 195 -16.70 -6.94 31.36
C LEU B 195 -17.78 -6.49 30.40
N ASP B 196 -19.04 -6.83 30.71
CA ASP B 196 -20.17 -6.40 29.89
C ASP B 196 -20.23 -4.88 29.80
N LEU B 197 -20.09 -4.23 30.95
CA LEU B 197 -20.15 -2.77 31.02
C LEU B 197 -19.03 -2.08 30.24
N TYR B 198 -17.80 -2.55 30.42
CA TYR B 198 -16.69 -1.98 29.68
C TYR B 198 -16.81 -2.25 28.18
N ALA B 199 -17.24 -3.46 27.82
CA ALA B 199 -17.34 -3.81 26.41
C ALA B 199 -18.42 -2.96 25.73
N ARG B 200 -19.57 -2.79 26.38
CA ARG B 200 -20.64 -2.00 25.79
C ARG B 200 -20.18 -0.56 25.52
N SER B 201 -19.40 -0.01 26.44
CA SER B 201 -18.92 1.37 26.28
C SER B 201 -17.96 1.53 25.11
N TYR B 202 -16.92 0.70 25.05
CA TYR B 202 -15.92 0.91 24.00
C TYR B 202 -16.41 0.41 22.64
N ALA B 203 -17.52 -0.33 22.64
CA ALA B 203 -18.08 -0.85 21.39
C ALA B 203 -18.88 0.20 20.61
N LYS B 204 -19.23 1.32 21.24
CA LYS B 204 -19.83 2.42 20.49
C LYS B 204 -18.87 2.75 19.35
N PRO B 205 -19.38 2.79 18.10
CA PRO B 205 -18.48 2.93 16.94
C PRO B 205 -17.47 4.08 17.08
N HIS B 206 -17.89 5.25 17.57
CA HIS B 206 -16.94 6.35 17.71
C HIS B 206 -15.95 6.10 18.82
N SER B 207 -16.33 5.30 19.82
CA SER B 207 -15.42 4.96 20.91
C SER B 207 -14.42 3.85 20.54
N LEU B 208 -14.85 2.91 19.70
CA LEU B 208 -13.95 1.86 19.25
C LEU B 208 -12.86 2.50 18.39
N ASN B 209 -13.28 3.40 17.51
CA ASN B 209 -12.32 4.15 16.71
C ASN B 209 -11.43 5.05 17.56
N ALA B 210 -12.02 5.80 18.49
CA ALA B 210 -11.24 6.67 19.34
C ALA B 210 -10.13 5.87 20.05
N SER B 211 -10.48 4.69 20.56
CA SER B 211 -9.52 3.83 21.24
C SER B 211 -8.24 3.64 20.45
N PHE B 212 -8.41 3.36 19.16
CA PHE B 212 -7.25 3.05 18.33
C PHE B 212 -6.56 4.30 17.79
N GLU B 213 -7.30 5.40 17.69
CA GLU B 213 -6.69 6.65 17.24
C GLU B 213 -5.62 7.15 18.23
N TYR B 214 -5.77 6.80 19.51
CA TYR B 214 -4.70 7.08 20.47
C TYR B 214 -3.39 6.41 20.07
N TYR B 215 -3.50 5.20 19.50
CA TYR B 215 -2.31 4.44 19.09
C TYR B 215 -1.81 4.89 17.73
N ARG B 216 -2.72 5.31 16.87
CA ARG B 216 -2.34 5.84 15.57
C ARG B 216 -1.60 7.16 15.72
N ALA B 217 -1.76 7.81 16.88
CA ALA B 217 -1.04 9.04 17.17
C ALA B 217 0.20 8.82 18.04
N LEU B 218 0.48 7.57 18.39
CA LEU B 218 1.55 7.28 19.35
C LEU B 218 2.93 7.76 18.87
N ASN B 219 3.26 7.54 17.60
CA ASN B 219 4.56 8.00 17.11
C ASN B 219 4.67 9.51 17.16
N GLU B 220 3.58 10.19 16.83
CA GLU B 220 3.54 11.64 16.93
C GLU B 220 3.74 12.09 18.37
N SER B 221 3.12 11.36 19.31
CA SER B 221 3.31 11.65 20.74
C SER B 221 4.77 11.49 21.18
N VAL B 222 5.41 10.43 20.71
CA VAL B 222 6.84 10.21 20.98
C VAL B 222 7.65 11.39 20.45
N ARG B 223 7.36 11.82 19.24
CA ARG B 223 8.10 12.94 18.66
C ARG B 223 7.86 14.21 19.46
N GLN B 224 6.61 14.42 19.87
CA GLN B 224 6.28 15.56 20.73
C GLN B 224 7.06 15.52 22.05
N ASN B 225 7.07 14.35 22.69
CA ASN B 225 7.71 14.20 23.99
C ASN B 225 9.23 14.34 23.95
N ALA B 226 9.82 14.06 22.79
CA ALA B 226 11.27 14.23 22.62
C ALA B 226 11.69 15.66 22.90
N GLU B 227 10.86 16.61 22.49
CA GLU B 227 11.11 18.02 22.77
C GLU B 227 10.72 18.42 24.20
N LEU B 228 9.55 18.00 24.63
CA LEU B 228 9.05 18.35 25.95
C LEU B 228 9.97 17.87 27.09
N ALA B 229 10.61 16.72 26.88
CA ALA B 229 11.36 16.07 27.94
C ALA B 229 12.67 16.78 28.26
N LYS B 230 13.00 17.81 27.48
CA LYS B 230 14.17 18.63 27.78
C LYS B 230 13.99 19.35 29.11
N THR B 231 12.73 19.45 29.56
CA THR B 231 12.42 20.01 30.87
C THR B 231 11.97 18.94 31.86
N ARG B 232 12.77 18.73 32.88
CA ARG B 232 12.54 17.73 33.90
C ARG B 232 11.33 18.09 34.77
N LEU B 233 10.62 17.08 35.27
CA LEU B 233 9.49 17.32 36.18
C LEU B 233 9.99 17.56 37.61
N GLN B 234 9.44 18.58 38.27
CA GLN B 234 9.93 19.02 39.57
C GLN B 234 9.02 18.70 40.75
N MET B 235 7.76 18.36 40.48
CA MET B 235 6.81 18.11 41.56
C MET B 235 6.99 16.71 42.16
N PRO B 236 6.57 16.51 43.42
CA PRO B 236 6.65 15.17 44.01
C PRO B 236 5.89 14.17 43.16
N THR B 237 6.53 13.05 42.83
CA THR B 237 5.94 12.06 41.94
C THR B 237 5.99 10.68 42.59
N MET B 238 4.95 9.88 42.40
CA MET B 238 4.97 8.46 42.75
C MET B 238 4.59 7.60 41.55
N THR B 239 5.31 6.52 41.34
CA THR B 239 4.92 5.54 40.33
C THR B 239 4.46 4.25 40.99
N LEU B 240 3.48 3.60 40.37
CA LEU B 240 3.05 2.26 40.77
C LEU B 240 3.08 1.34 39.56
N ALA B 241 3.44 0.09 39.79
CA ALA B 241 3.40 -0.90 38.72
C ALA B 241 3.12 -2.26 39.31
N GLY B 242 2.49 -3.13 38.53
CA GLY B 242 2.25 -4.49 39.02
C GLY B 242 3.50 -5.33 38.85
N GLY B 243 3.76 -6.20 39.82
CA GLY B 243 4.91 -7.11 39.75
C GLY B 243 4.54 -8.51 39.31
N GLY B 244 3.24 -8.74 39.08
CA GLY B 244 2.78 -10.04 38.64
C GLY B 244 2.61 -10.08 37.13
N HIS B 245 2.02 -11.17 36.64
CA HIS B 245 1.80 -11.32 35.20
C HIS B 245 1.00 -10.15 34.65
N GLY B 246 1.44 -9.59 33.53
CA GLY B 246 0.75 -8.46 32.93
C GLY B 246 1.26 -7.09 33.37
N GLY B 247 2.03 -7.05 34.45
CA GLY B 247 2.46 -5.77 35.00
C GLY B 247 3.75 -5.26 34.39
N MET B 248 4.09 -4.01 34.68
CA MET B 248 5.28 -3.40 34.09
C MET B 248 6.54 -3.48 34.97
N GLY B 249 6.38 -3.92 36.21
CA GLY B 249 7.52 -4.14 37.08
C GLY B 249 8.38 -2.91 37.25
N THR B 250 9.70 -3.10 37.20
CA THR B 250 10.64 -2.03 37.51
C THR B 250 10.70 -0.95 36.43
N PHE B 251 10.14 -1.23 35.25
CA PHE B 251 10.20 -0.27 34.14
C PHE B 251 9.61 1.10 34.52
N GLN B 252 8.46 1.09 35.19
CA GLN B 252 7.74 2.31 35.51
C GLN B 252 8.63 3.32 36.24
N LEU B 253 9.22 2.89 37.35
CA LEU B 253 10.06 3.78 38.14
C LEU B 253 11.34 4.13 37.39
N GLU B 254 11.91 3.15 36.72
CA GLU B 254 13.20 3.38 36.06
C GLU B 254 13.06 4.39 34.92
N GLN B 255 11.97 4.32 34.17
CA GLN B 255 11.73 5.34 33.15
C GLN B 255 11.48 6.69 33.81
N MET B 256 10.64 6.70 34.83
CA MET B 256 10.26 7.96 35.48
C MET B 256 11.47 8.70 36.07
N LYS B 257 12.49 7.95 36.48
CA LYS B 257 13.71 8.56 37.01
C LYS B 257 14.37 9.47 35.98
N ALA B 258 14.20 9.16 34.70
CA ALA B 258 14.77 9.99 33.64
C ALA B 258 13.93 11.24 33.41
N TYR B 259 12.73 11.27 33.95
CA TYR B 259 11.80 12.39 33.73
C TYR B 259 11.61 13.30 34.95
N ALA B 260 11.77 12.74 36.15
CA ALA B 260 11.41 13.46 37.37
C ALA B 260 12.55 13.51 38.37
N GLU B 261 12.71 14.68 38.98
CA GLU B 261 13.73 14.91 40.00
C GLU B 261 13.38 14.23 41.31
N ASP B 262 12.09 14.17 41.61
CA ASP B 262 11.61 13.76 42.93
C ASP B 262 10.57 12.67 42.76
N VAL B 263 11.02 11.42 42.76
CA VAL B 263 10.12 10.31 42.48
C VAL B 263 10.39 9.13 43.40
N GLU B 264 9.32 8.52 43.88
CA GLU B 264 9.40 7.28 44.60
C GLU B 264 8.53 6.27 43.86
N GLY B 265 8.89 5.01 43.93
CA GLY B 265 8.15 4.00 43.19
C GLY B 265 7.81 2.79 44.02
N HIS B 266 6.74 2.10 43.65
CA HIS B 266 6.41 0.81 44.24
C HIS B 266 6.02 -0.18 43.16
N VAL B 267 6.45 -1.42 43.33
CA VAL B 267 6.00 -2.53 42.50
C VAL B 267 5.16 -3.45 43.40
N LEU B 268 3.95 -3.77 42.95
CA LEU B 268 3.01 -4.52 43.77
C LEU B 268 3.02 -6.01 43.39
N PRO B 269 3.62 -6.85 44.24
CA PRO B 269 3.64 -8.29 43.92
C PRO B 269 2.23 -8.86 43.85
N GLY B 270 2.01 -9.81 42.95
CA GLY B 270 0.73 -10.47 42.85
C GLY B 270 -0.32 -9.64 42.11
N CYS B 271 0.11 -8.58 41.44
CA CYS B 271 -0.80 -7.68 40.71
C CYS B 271 -0.33 -7.47 39.29
N GLY B 272 -1.28 -7.45 38.36
CA GLY B 272 -0.97 -7.20 36.97
C GLY B 272 -1.15 -5.76 36.55
N HIS B 273 -1.66 -5.56 35.34
CA HIS B 273 -1.75 -4.22 34.74
C HIS B 273 -2.87 -3.37 35.32
N TRP B 274 -3.97 -4.00 35.72
CA TRP B 274 -5.19 -3.28 36.08
C TRP B 274 -5.23 -2.98 37.58
N LEU B 275 -4.27 -2.19 38.04
CA LEU B 275 -4.08 -2.00 39.48
C LEU B 275 -5.32 -1.59 40.28
N PRO B 276 -6.13 -0.63 39.76
CA PRO B 276 -7.26 -0.20 40.58
C PRO B 276 -8.27 -1.32 40.84
N GLU B 277 -8.36 -2.29 39.94
CA GLU B 277 -9.29 -3.40 40.14
C GLU B 277 -8.67 -4.66 40.71
N GLU B 278 -7.47 -4.99 40.23
CA GLU B 278 -6.79 -6.20 40.67
C GLU B 278 -6.25 -6.10 42.07
N CYS B 279 -5.86 -4.90 42.48
CA CYS B 279 -5.22 -4.70 43.77
C CYS B 279 -5.69 -3.38 44.37
N ALA B 280 -7.01 -3.26 44.50
CA ALA B 280 -7.64 -2.03 44.93
C ALA B 280 -7.17 -1.56 46.31
N ALA B 281 -7.17 -2.46 47.29
CA ALA B 281 -6.84 -2.01 48.65
C ALA B 281 -5.41 -1.44 48.82
N PRO B 282 -4.36 -2.17 48.38
CA PRO B 282 -3.04 -1.56 48.55
C PRO B 282 -2.80 -0.41 47.60
N MET B 283 -3.37 -0.46 46.40
CA MET B 283 -3.16 0.66 45.46
C MET B 283 -3.81 1.91 46.02
N ASN B 284 -5.07 1.77 46.44
CA ASN B 284 -5.77 2.87 47.10
C ASN B 284 -5.01 3.45 48.27
N ARG B 285 -4.46 2.58 49.12
CA ARG B 285 -3.70 3.03 50.29
C ARG B 285 -2.49 3.87 49.90
N LEU B 286 -1.72 3.38 48.93
CA LEU B 286 -0.50 4.05 48.51
C LEU B 286 -0.80 5.42 47.90
N VAL B 287 -1.86 5.48 47.10
CA VAL B 287 -2.26 6.74 46.47
C VAL B 287 -2.75 7.72 47.52
N ILE B 288 -3.63 7.25 48.40
CA ILE B 288 -4.17 8.13 49.43
C ILE B 288 -3.08 8.68 50.34
N ASP B 289 -2.16 7.82 50.77
CA ASP B 289 -1.09 8.28 51.66
C ASP B 289 -0.16 9.28 50.99
N PHE B 290 0.19 9.01 49.73
CA PHE B 290 1.10 9.87 49.00
C PHE B 290 0.50 11.26 48.78
N LEU B 291 -0.78 11.29 48.44
CA LEU B 291 -1.44 12.57 48.18
C LEU B 291 -1.72 13.32 49.47
N SER B 292 -1.86 12.58 50.57
CA SER B 292 -2.20 13.19 51.86
C SER B 292 -1.01 13.78 52.60
N ARG B 293 0.19 13.59 52.06
CA ARG B 293 1.38 14.25 52.60
C ARG B 293 1.28 15.76 52.46
N ALA C 1 -15.50 28.02 9.83
CA ALA C 1 -15.45 26.59 9.52
C ALA C 1 -14.09 26.20 8.92
N GLU C 2 -13.49 25.14 9.47
CA GLU C 2 -12.15 24.75 9.05
C GLU C 2 -12.14 23.31 8.55
N GLU C 3 -11.45 23.10 7.42
CA GLU C 3 -11.34 21.77 6.85
C GLU C 3 -10.38 20.90 7.65
N PHE C 4 -9.39 21.52 8.30
CA PHE C 4 -8.37 20.79 9.06
C PHE C 4 -8.08 21.49 10.38
N PRO C 5 -7.75 20.71 11.42
CA PRO C 5 -7.50 21.32 12.73
C PRO C 5 -6.24 22.18 12.77
N VAL C 6 -6.39 23.41 13.27
CA VAL C 6 -5.28 24.34 13.39
C VAL C 6 -4.43 23.97 14.61
N PRO C 7 -3.09 23.98 14.47
CA PRO C 7 -2.26 23.63 15.63
C PRO C 7 -2.45 24.68 16.72
N ASN C 8 -2.21 24.29 17.96
CA ASN C 8 -2.37 25.20 19.07
C ASN C 8 -1.46 26.41 18.89
N GLY C 9 -2.01 27.60 19.09
CA GLY C 9 -1.24 28.82 18.96
C GLY C 9 -1.11 29.37 17.55
N PHE C 10 -1.74 28.70 16.57
CA PHE C 10 -1.75 29.20 15.20
C PHE C 10 -3.13 29.76 14.89
N GLU C 11 -3.21 30.61 13.87
CA GLU C 11 -4.50 31.13 13.42
C GLU C 11 -4.77 30.73 11.97
N SER C 12 -6.05 30.53 11.66
CA SER C 12 -6.51 30.33 10.29
C SER C 12 -7.08 31.67 9.83
N ALA C 13 -6.56 32.20 8.73
CA ALA C 13 -7.03 33.49 8.25
C ALA C 13 -7.00 33.54 6.73
N TYR C 14 -7.42 34.67 6.17
CA TYR C 14 -7.44 34.85 4.72
C TYR C 14 -6.82 36.19 4.35
N ARG C 15 -6.19 36.24 3.19
CA ARG C 15 -5.74 37.51 2.62
C ARG C 15 -6.14 37.60 1.15
N GLU C 16 -6.74 38.72 0.77
CA GLU C 16 -7.11 38.97 -0.61
C GLU C 16 -5.86 39.42 -1.35
N VAL C 17 -5.50 38.72 -2.41
CA VAL C 17 -4.32 39.04 -3.19
C VAL C 17 -4.72 39.08 -4.66
N ASP C 18 -4.56 40.24 -5.30
CA ASP C 18 -4.98 40.42 -6.69
C ASP C 18 -6.40 39.86 -6.93
N GLY C 19 -7.31 40.17 -6.02
CA GLY C 19 -8.71 39.78 -6.17
C GLY C 19 -9.01 38.33 -5.85
N VAL C 20 -8.02 37.61 -5.34
CA VAL C 20 -8.20 36.20 -4.98
C VAL C 20 -8.04 36.02 -3.48
N LYS C 21 -9.04 35.45 -2.84
CA LYS C 21 -8.95 35.24 -1.39
C LYS C 21 -8.17 33.97 -1.07
N LEU C 22 -6.95 34.14 -0.53
CA LEU C 22 -6.12 33.00 -0.17
C LEU C 22 -6.26 32.66 1.30
N HIS C 23 -6.44 31.37 1.61
CA HIS C 23 -6.47 30.92 2.99
C HIS C 23 -5.06 30.54 3.44
N TYR C 24 -4.74 30.82 4.69
CA TYR C 24 -3.46 30.37 5.23
C TYR C 24 -3.57 30.11 6.72
N VAL C 25 -2.59 29.38 7.26
CA VAL C 25 -2.47 29.18 8.69
C VAL C 25 -1.13 29.78 9.10
N LYS C 26 -1.12 30.58 10.17
CA LYS C 26 0.05 31.34 10.55
C LYS C 26 0.33 31.26 12.06
N GLY C 27 1.60 31.18 12.43
CA GLY C 27 1.98 31.15 13.83
C GLY C 27 3.46 31.44 14.00
N GLY C 28 3.86 31.72 15.25
CA GLY C 28 5.25 31.96 15.57
C GLY C 28 5.69 33.41 15.41
N GLN C 29 6.97 33.65 15.63
CA GLN C 29 7.54 34.98 15.49
C GLN C 29 8.98 34.84 15.02
N GLY C 30 9.52 35.92 14.46
CA GLY C 30 10.83 35.86 13.85
C GLY C 30 10.73 35.98 12.34
N PRO C 31 11.85 35.71 11.63
CA PRO C 31 11.87 35.78 10.17
C PRO C 31 10.81 34.87 9.56
N LEU C 32 10.27 35.26 8.41
CA LEU C 32 9.17 34.50 7.79
C LEU C 32 9.65 33.26 7.04
N VAL C 33 8.94 32.14 7.21
CA VAL C 33 9.09 30.98 6.35
C VAL C 33 7.71 30.62 5.79
N MET C 34 7.63 30.46 4.47
CA MET C 34 6.39 30.06 3.85
C MET C 34 6.50 28.61 3.41
N LEU C 35 5.53 27.79 3.80
CA LEU C 35 5.48 26.37 3.46
C LEU C 35 4.37 26.16 2.43
N VAL C 36 4.68 25.56 1.28
CA VAL C 36 3.71 25.44 0.19
C VAL C 36 3.45 23.99 -0.20
N HIS C 37 2.22 23.54 0.02
CA HIS C 37 1.83 22.14 -0.18
C HIS C 37 1.69 21.76 -1.65
N GLY C 38 1.39 20.47 -1.89
CA GLY C 38 1.22 19.98 -3.24
C GLY C 38 -0.10 19.28 -3.51
N PHE C 39 -0.12 18.52 -4.59
CA PHE C 39 -1.34 17.89 -5.08
C PHE C 39 -1.88 16.87 -4.09
N GLY C 40 -3.21 16.88 -3.92
CA GLY C 40 -3.90 15.91 -3.09
C GLY C 40 -3.99 16.37 -1.65
N GLN C 41 -3.32 17.48 -1.35
CA GLN C 41 -3.21 17.92 0.04
C GLN C 41 -3.49 19.40 0.18
N THR C 42 -3.18 19.95 1.35
CA THR C 42 -3.46 21.34 1.66
C THR C 42 -2.38 21.76 2.63
N TRP C 43 -2.55 22.93 3.25
CA TRP C 43 -1.60 23.43 4.24
C TRP C 43 -1.34 22.39 5.33
N TYR C 44 -2.33 21.54 5.58
CA TYR C 44 -2.30 20.59 6.69
C TYR C 44 -1.14 19.59 6.61
N GLU C 45 -0.57 19.33 5.43
CA GLU C 45 0.55 18.37 5.40
C GLU C 45 1.72 18.87 6.28
N TRP C 46 1.73 20.17 6.54
CA TRP C 46 2.81 20.82 7.29
C TRP C 46 2.54 20.92 8.79
N HIS C 47 1.39 20.39 9.25
CA HIS C 47 0.93 20.72 10.60
C HIS C 47 1.82 20.17 11.73
N GLN C 48 2.62 19.15 11.45
CA GLN C 48 3.58 18.65 12.44
C GLN C 48 4.87 19.47 12.46
N LEU C 49 5.30 19.92 11.29
CA LEU C 49 6.53 20.72 11.20
C LEU C 49 6.29 22.14 11.71
N MET C 50 5.08 22.64 11.55
CA MET C 50 4.77 24.05 11.86
C MET C 50 5.10 24.50 13.31
N PRO C 51 4.64 23.76 14.33
CA PRO C 51 4.91 24.20 15.70
C PRO C 51 6.41 24.21 16.02
N GLU C 52 7.17 23.33 15.39
CA GLU C 52 8.61 23.24 15.61
C GLU C 52 9.33 24.45 15.00
N LEU C 53 9.02 24.77 13.75
CA LEU C 53 9.53 25.96 13.08
C LEU C 53 9.11 27.25 13.78
N ALA C 54 7.92 27.26 14.36
CA ALA C 54 7.38 28.48 14.95
C ALA C 54 8.14 28.91 16.21
N LYS C 55 9.00 28.03 16.70
CA LYS C 55 9.84 28.38 17.83
C LYS C 55 10.95 29.34 17.43
N ARG C 56 11.21 29.43 16.13
CA ARG C 56 12.33 30.22 15.61
C ARG C 56 11.90 31.18 14.50
N PHE C 57 10.73 30.93 13.90
CA PHE C 57 10.31 31.69 12.73
C PHE C 57 8.83 32.07 12.82
N THR C 58 8.44 33.08 12.05
CA THR C 58 7.04 33.28 11.75
C THR C 58 6.74 32.33 10.60
N VAL C 59 5.74 31.47 10.78
CA VAL C 59 5.44 30.43 9.80
C VAL C 59 4.08 30.70 9.15
N ILE C 60 4.04 30.69 7.82
CA ILE C 60 2.78 30.77 7.10
CA ILE C 60 2.78 30.77 7.10
C ILE C 60 2.64 29.59 6.13
N ALA C 61 1.46 28.97 6.14
CA ALA C 61 1.22 27.85 5.23
C ALA C 61 -0.08 28.11 4.47
N PRO C 62 0.03 28.60 3.22
CA PRO C 62 -1.19 28.89 2.46
C PRO C 62 -1.78 27.67 1.76
N ASP C 63 -3.06 27.74 1.43
CA ASP C 63 -3.66 26.78 0.50
C ASP C 63 -3.45 27.32 -0.90
N LEU C 64 -2.99 26.47 -1.82
CA LEU C 64 -2.84 26.88 -3.21
C LEU C 64 -4.18 27.33 -3.79
N PRO C 65 -4.15 28.30 -4.71
CA PRO C 65 -5.40 28.79 -5.31
C PRO C 65 -6.29 27.65 -5.81
N GLY C 66 -7.56 27.67 -5.40
CA GLY C 66 -8.51 26.66 -5.80
C GLY C 66 -8.55 25.45 -4.90
N LEU C 67 -7.47 25.25 -4.13
CA LEU C 67 -7.34 24.09 -3.26
C LEU C 67 -7.52 24.50 -1.81
N GLY C 68 -7.82 23.53 -0.95
CA GLY C 68 -8.13 23.83 0.44
C GLY C 68 -9.22 24.90 0.51
N GLN C 69 -8.96 25.97 1.25
CA GLN C 69 -9.97 27.02 1.44
C GLN C 69 -9.63 28.28 0.67
N SER C 70 -8.75 28.16 -0.32
CA SER C 70 -8.37 29.28 -1.19
C SER C 70 -9.20 29.36 -2.46
N GLU C 71 -9.57 30.58 -2.85
CA GLU C 71 -10.30 30.77 -4.12
C GLU C 71 -9.41 30.41 -5.30
N PRO C 72 -10.02 29.99 -6.42
CA PRO C 72 -9.24 29.75 -7.64
C PRO C 72 -8.57 31.04 -8.15
N PRO C 73 -7.50 30.89 -8.92
CA PRO C 73 -6.80 32.06 -9.47
C PRO C 73 -7.66 32.73 -10.53
N LYS C 74 -7.50 34.04 -10.67
CA LYS C 74 -8.23 34.79 -11.68
C LYS C 74 -7.45 34.95 -12.99
N THR C 75 -6.13 34.77 -12.93
CA THR C 75 -5.30 34.83 -14.12
C THR C 75 -5.20 33.46 -14.79
N GLY C 76 -4.58 32.49 -14.11
CA GLY C 76 -4.51 31.14 -14.61
C GLY C 76 -3.68 30.25 -13.69
N TYR C 77 -3.43 29.02 -14.13
CA TYR C 77 -2.82 28.03 -13.27
C TYR C 77 -1.37 27.70 -13.63
N SER C 78 -0.80 28.42 -14.60
CA SER C 78 0.60 28.21 -14.93
C SER C 78 1.48 28.63 -13.76
N GLY C 79 2.69 28.09 -13.70
CA GLY C 79 3.59 28.38 -12.61
C GLY C 79 3.82 29.87 -12.40
N GLU C 80 4.05 30.58 -13.50
CA GLU C 80 4.36 31.99 -13.38
C GLU C 80 3.16 32.78 -12.84
N GLN C 81 1.96 32.39 -13.27
CA GLN C 81 0.74 33.07 -12.80
C GLN C 81 0.47 32.82 -11.31
N VAL C 82 0.58 31.57 -10.89
CA VAL C 82 0.28 31.23 -9.49
C VAL C 82 1.34 31.81 -8.57
N ALA C 83 2.59 31.82 -9.03
CA ALA C 83 3.69 32.35 -8.24
C ALA C 83 3.50 33.82 -7.81
N VAL C 84 2.85 34.62 -8.66
CA VAL C 84 2.57 36.02 -8.29
C VAL C 84 1.75 36.09 -7.00
N TYR C 85 0.70 35.28 -6.91
CA TYR C 85 -0.14 35.27 -5.71
C TYR C 85 0.69 34.91 -4.49
N LEU C 86 1.52 33.87 -4.62
CA LEU C 86 2.27 33.40 -3.45
C LEU C 86 3.35 34.39 -3.02
N HIS C 87 4.03 34.99 -4.00
CA HIS C 87 5.06 36.00 -3.71
C HIS C 87 4.45 37.22 -3.00
N LYS C 88 3.34 37.73 -3.54
CA LYS C 88 2.66 38.86 -2.92
C LYS C 88 2.16 38.54 -1.50
N LEU C 89 1.62 37.34 -1.30
CA LEU C 89 1.16 36.93 0.03
C LEU C 89 2.31 36.99 1.03
N ALA C 90 3.42 36.36 0.66
CA ALA C 90 4.58 36.32 1.55
C ALA C 90 5.08 37.73 1.87
N ARG C 91 5.15 38.57 0.84
CA ARG C 91 5.70 39.91 1.00
C ARG C 91 4.79 40.83 1.81
N GLN C 92 3.52 40.47 1.94
CA GLN C 92 2.62 41.21 2.84
C GLN C 92 3.10 41.05 4.29
N PHE C 93 3.59 39.86 4.60
CA PHE C 93 4.07 39.54 5.94
C PHE C 93 5.56 39.84 6.14
N SER C 94 6.29 39.93 5.04
CA SER C 94 7.73 40.22 5.10
C SER C 94 8.11 41.23 4.02
N PRO C 95 7.64 42.48 4.16
CA PRO C 95 7.85 43.46 3.08
C PRO C 95 9.27 44.02 3.02
N ASP C 96 10.02 43.94 4.13
CA ASP C 96 11.31 44.62 4.22
C ASP C 96 12.49 43.66 4.37
N ARG C 97 12.23 42.35 4.31
CA ARG C 97 13.31 41.39 4.49
C ARG C 97 13.00 40.14 3.69
N PRO C 98 14.06 39.42 3.26
CA PRO C 98 13.86 38.16 2.56
C PRO C 98 13.19 37.13 3.46
N PHE C 99 12.49 36.18 2.84
CA PHE C 99 11.86 35.10 3.60
C PHE C 99 12.38 33.76 3.12
N ASP C 100 12.14 32.72 3.92
CA ASP C 100 12.49 31.35 3.55
C ASP C 100 11.30 30.67 2.88
N LEU C 101 11.60 29.72 1.99
CA LEU C 101 10.55 28.99 1.27
C LEU C 101 10.78 27.49 1.32
N VAL C 102 9.74 26.74 1.71
CA VAL C 102 9.75 25.29 1.65
C VAL C 102 8.57 24.88 0.78
N ALA C 103 8.81 24.07 -0.24
CA ALA C 103 7.72 23.67 -1.12
C ALA C 103 7.80 22.18 -1.45
N HIS C 104 6.62 21.56 -1.57
CA HIS C 104 6.48 20.14 -1.83
C HIS C 104 5.63 19.94 -3.10
N ASP C 105 6.08 19.07 -3.99
CA ASP C 105 5.24 18.65 -5.11
C ASP C 105 4.88 19.86 -5.99
N ILE C 106 3.62 20.05 -6.38
CA ILE C 106 3.30 21.17 -7.27
C ILE C 106 3.52 22.53 -6.57
N GLY C 107 3.75 22.51 -5.27
CA GLY C 107 4.24 23.69 -4.58
C GLY C 107 5.48 24.24 -5.26
N ILE C 108 6.31 23.34 -5.78
CA ILE C 108 7.51 23.73 -6.53
C ILE C 108 7.14 24.43 -7.84
N TRP C 109 6.22 23.84 -8.59
CA TRP C 109 5.80 24.43 -9.87
C TRP C 109 5.29 25.87 -9.65
N ASN C 110 4.62 26.05 -8.53
CA ASN C 110 3.92 27.31 -8.24
C ASN C 110 4.77 28.35 -7.52
N THR C 111 6.02 28.03 -7.22
CA THR C 111 6.90 29.00 -6.57
C THR C 111 8.17 29.27 -7.36
N TYR C 112 8.63 28.31 -8.17
CA TYR C 112 9.90 28.49 -8.87
C TYR C 112 10.01 29.84 -9.62
N PRO C 113 8.99 30.21 -10.42
CA PRO C 113 9.13 31.48 -11.14
C PRO C 113 9.29 32.70 -10.24
N MET C 114 8.66 32.73 -9.06
CA MET C 114 8.81 33.92 -8.23
C MET C 114 10.17 33.92 -7.50
N VAL C 115 10.73 32.73 -7.28
CA VAL C 115 12.09 32.62 -6.74
C VAL C 115 13.12 33.16 -7.74
N VAL C 116 13.04 32.73 -8.98
CA VAL C 116 14.01 33.16 -9.97
C VAL C 116 13.84 34.64 -10.35
N LYS C 117 12.60 35.15 -10.29
CA LYS C 117 12.35 36.54 -10.65
C LYS C 117 12.57 37.53 -9.51
N ASN C 118 12.63 37.00 -8.28
CA ASN C 118 12.79 37.84 -7.08
C ASN C 118 13.82 37.23 -6.12
N GLN C 119 15.02 36.94 -6.63
CA GLN C 119 16.01 36.20 -5.85
C GLN C 119 16.36 36.86 -4.53
N ALA C 120 16.41 38.19 -4.52
CA ALA C 120 16.74 38.93 -3.31
C ALA C 120 15.71 38.74 -2.19
N ASP C 121 14.49 38.33 -2.55
CA ASP C 121 13.42 38.14 -1.56
C ASP C 121 13.48 36.78 -0.90
N ILE C 122 14.29 35.87 -1.44
CA ILE C 122 14.36 34.50 -0.95
C ILE C 122 15.68 34.23 -0.25
N ALA C 123 15.64 34.09 1.08
CA ALA C 123 16.85 33.88 1.85
C ALA C 123 17.40 32.47 1.66
N ARG C 124 16.54 31.48 1.89
CA ARG C 124 16.93 30.07 1.79
C ARG C 124 15.75 29.29 1.22
N LEU C 125 16.03 28.20 0.52
CA LEU C 125 15.02 27.50 -0.26
C LEU C 125 15.11 26.01 0.00
N VAL C 126 13.97 25.38 0.30
CA VAL C 126 13.88 23.92 0.38
C VAL C 126 12.81 23.39 -0.58
N TYR C 127 13.23 22.54 -1.52
CA TYR C 127 12.30 21.92 -2.46
C TYR C 127 12.31 20.41 -2.28
N MET C 128 11.13 19.81 -2.24
CA MET C 128 11.06 18.37 -2.08
C MET C 128 10.05 17.72 -3.01
N GLU C 129 10.44 16.59 -3.59
CA GLU C 129 9.47 15.67 -4.22
C GLU C 129 8.59 16.26 -5.33
N ALA C 130 9.24 16.81 -6.36
CA ALA C 130 8.63 17.10 -7.66
C ALA C 130 9.69 17.62 -8.60
N PRO C 131 9.53 17.31 -9.91
CA PRO C 131 10.42 17.97 -10.86
C PRO C 131 9.99 19.44 -11.02
N ILE C 132 10.96 20.33 -11.18
CA ILE C 132 10.65 21.66 -11.71
C ILE C 132 10.19 21.42 -13.13
N PRO C 133 9.11 22.12 -13.57
CA PRO C 133 8.64 21.84 -14.94
C PRO C 133 9.66 22.22 -16.01
N ASP C 134 10.19 21.22 -16.69
CA ASP C 134 11.08 21.43 -17.84
C ASP C 134 11.06 20.21 -18.75
N ALA C 135 11.91 20.21 -19.78
CA ALA C 135 11.87 19.16 -20.79
C ALA C 135 12.14 17.75 -20.23
N ARG C 136 12.74 17.67 -19.05
CA ARG C 136 12.99 16.37 -18.40
C ARG C 136 11.69 15.60 -18.15
N ILE C 137 10.60 16.31 -17.94
CA ILE C 137 9.33 15.63 -17.66
C ILE C 137 8.83 14.79 -18.84
N TYR C 138 9.28 15.12 -20.04
CA TYR C 138 8.87 14.39 -21.23
C TYR C 138 9.61 13.06 -21.39
N ARG C 139 10.56 12.78 -20.50
CA ARG C 139 11.31 11.54 -20.61
C ARG C 139 10.87 10.47 -19.59
N PHE C 140 10.00 10.84 -18.67
CA PHE C 140 9.50 9.90 -17.64
CA PHE C 140 9.50 9.87 -17.68
C PHE C 140 8.65 8.84 -18.40
N PRO C 141 8.78 7.57 -18.02
CA PRO C 141 8.02 6.51 -18.72
C PRO C 141 6.55 6.43 -18.33
N ALA C 142 5.72 6.06 -19.31
CA ALA C 142 4.31 5.81 -19.09
C ALA C 142 4.07 4.53 -18.28
N PHE C 143 4.99 3.58 -18.38
CA PHE C 143 4.78 2.24 -17.82
C PHE C 143 6.14 1.64 -17.42
N THR C 144 6.19 0.93 -16.30
CA THR C 144 7.45 0.36 -15.86
C THR C 144 7.37 -1.15 -15.68
N ALA C 145 8.54 -1.78 -15.62
CA ALA C 145 8.63 -3.22 -15.42
C ALA C 145 8.08 -3.65 -14.04
N GLN C 146 7.84 -2.69 -13.14
CA GLN C 146 7.19 -2.98 -11.86
C GLN C 146 5.67 -2.75 -11.91
N GLY C 147 5.24 -2.04 -12.95
CA GLY C 147 3.82 -1.73 -13.13
C GLY C 147 3.55 -0.24 -13.26
N GLU C 148 2.51 0.22 -12.56
CA GLU C 148 2.07 1.62 -12.58
C GLU C 148 3.24 2.60 -12.38
N SER C 149 3.43 3.50 -13.36
CA SER C 149 4.55 4.44 -13.31
C SER C 149 4.22 5.60 -12.40
N LEU C 150 5.20 6.44 -12.10
CA LEU C 150 5.18 7.62 -11.07
CA LEU C 150 4.94 7.43 -11.07
C LEU C 150 4.27 8.71 -11.57
N VAL C 151 4.42 9.04 -12.85
CA VAL C 151 3.79 10.25 -13.40
C VAL C 151 2.77 10.07 -14.50
N TRP C 152 2.19 8.88 -14.64
CA TRP C 152 1.21 8.69 -15.71
C TRP C 152 0.01 9.60 -15.53
N HIS C 153 -0.26 9.98 -14.29
CA HIS C 153 -1.38 10.88 -14.00
C HIS C 153 -1.21 12.25 -14.65
N PHE C 154 0.02 12.63 -15.03
CA PHE C 154 0.23 13.92 -15.73
C PHE C 154 -0.70 13.98 -16.95
N SER C 155 -0.71 12.89 -17.72
CA SER C 155 -1.55 12.84 -18.92
C SER C 155 -3.03 12.70 -18.58
N PHE C 156 -3.35 11.88 -17.58
CA PHE C 156 -4.74 11.70 -17.13
C PHE C 156 -5.34 13.05 -16.75
N PHE C 157 -4.63 13.78 -15.91
CA PHE C 157 -5.12 15.04 -15.38
C PHE C 157 -5.13 16.14 -16.44
N ALA C 158 -4.20 16.08 -17.39
CA ALA C 158 -4.13 17.09 -18.44
C ALA C 158 -5.10 16.84 -19.60
N ALA C 159 -5.69 15.65 -19.65
CA ALA C 159 -6.56 15.27 -20.78
C ALA C 159 -7.73 16.22 -20.98
N ASP C 160 -8.10 16.43 -22.25
CA ASP C 160 -9.21 17.29 -22.62
C ASP C 160 -10.54 16.73 -22.14
N ASP C 161 -11.60 17.51 -22.35
CA ASP C 161 -12.98 17.08 -22.10
C ASP C 161 -13.26 16.80 -20.62
N ARG C 162 -12.46 17.38 -19.73
CA ARG C 162 -12.63 17.16 -18.30
C ARG C 162 -12.68 15.67 -17.98
N LEU C 163 -11.83 14.90 -18.66
CA LEU C 163 -11.82 13.45 -18.45
C LEU C 163 -11.64 13.09 -16.98
N ALA C 164 -10.66 13.68 -16.31
CA ALA C 164 -10.36 13.30 -14.93
C ALA C 164 -11.49 13.66 -13.95
N GLU C 165 -12.01 14.89 -14.04
CA GLU C 165 -13.13 15.29 -13.17
C GLU C 165 -14.33 14.40 -13.41
N THR C 166 -14.58 14.10 -14.67
CA THR C 166 -15.77 13.34 -15.02
C THR C 166 -15.68 11.93 -14.44
N LEU C 167 -14.50 11.33 -14.49
CA LEU C 167 -14.32 9.99 -13.94
C LEU C 167 -14.25 9.97 -12.42
N ILE C 168 -13.62 10.99 -11.83
CA ILE C 168 -13.34 10.94 -10.40
C ILE C 168 -14.50 11.50 -9.55
N ALA C 169 -15.34 12.33 -10.16
CA ALA C 169 -16.47 12.91 -9.43
C ALA C 169 -17.31 11.81 -8.79
N GLY C 170 -17.57 11.95 -7.49
CA GLY C 170 -18.32 10.94 -6.75
C GLY C 170 -17.46 9.81 -6.21
N LYS C 171 -16.19 9.78 -6.61
CA LYS C 171 -15.28 8.73 -6.16
CA LYS C 171 -15.26 8.73 -6.23
C LYS C 171 -13.95 9.32 -5.71
N GLU C 172 -14.01 10.54 -5.21
CA GLU C 172 -12.83 11.28 -4.80
C GLU C 172 -12.07 10.59 -3.68
N ARG C 173 -12.82 10.08 -2.70
CA ARG C 173 -12.21 9.46 -1.53
C ARG C 173 -11.45 8.19 -1.93
N PHE C 174 -12.08 7.38 -2.79
CA PHE C 174 -11.46 6.18 -3.34
C PHE C 174 -10.21 6.53 -4.14
N PHE C 175 -10.33 7.51 -5.03
CA PHE C 175 -9.20 7.83 -5.89
C PHE C 175 -8.01 8.32 -5.07
N LEU C 176 -8.27 9.20 -4.11
CA LEU C 176 -7.17 9.81 -3.36
C LEU C 176 -6.42 8.77 -2.53
N GLU C 177 -7.14 7.82 -1.93
CA GLU C 177 -6.48 6.77 -1.17
C GLU C 177 -5.53 5.98 -2.09
N HIS C 178 -6.01 5.62 -3.28
CA HIS C 178 -5.15 4.91 -4.22
C HIS C 178 -3.96 5.75 -4.64
N PHE C 179 -4.20 7.00 -4.98
CA PHE C 179 -3.12 7.86 -5.45
C PHE C 179 -2.07 8.03 -4.36
N ILE C 180 -2.51 8.34 -3.15
CA ILE C 180 -1.56 8.58 -2.07
C ILE C 180 -0.78 7.30 -1.74
N LYS C 181 -1.48 6.19 -1.52
CA LYS C 181 -0.79 4.97 -1.14
C LYS C 181 0.14 4.41 -2.23
N SER C 182 -0.25 4.54 -3.50
CA SER C 182 0.60 4.07 -4.58
C SER C 182 1.88 4.88 -4.70
N HIS C 183 1.89 6.07 -4.12
CA HIS C 183 3.06 6.94 -4.13
C HIS C 183 3.79 6.94 -2.79
N ALA C 184 3.45 6.00 -1.91
CA ALA C 184 4.06 5.95 -0.59
C ALA C 184 4.91 4.69 -0.37
N SER C 185 5.88 4.81 0.53
CA SER C 185 6.63 3.65 1.05
C SER C 185 6.01 3.25 2.39
N ASN C 186 5.85 4.22 3.28
CA ASN C 186 5.20 3.98 4.57
CA ASN C 186 5.21 4.00 4.57
C ASN C 186 3.72 4.32 4.48
N THR C 187 2.94 3.40 3.91
CA THR C 187 1.54 3.67 3.69
C THR C 187 0.72 3.73 4.99
N GLU C 188 1.29 3.17 6.05
CA GLU C 188 0.57 3.00 7.31
CA GLU C 188 0.56 3.01 7.32
C GLU C 188 0.14 4.33 7.96
N VAL C 189 0.82 5.42 7.62
CA VAL C 189 0.51 6.74 8.20
C VAL C 189 -0.77 7.35 7.61
N PHE C 190 -1.23 6.80 6.48
CA PHE C 190 -2.45 7.30 5.89
C PHE C 190 -3.67 6.53 6.38
N SER C 191 -4.03 6.83 7.63
CA SER C 191 -5.20 6.27 8.26
C SER C 191 -6.44 6.67 7.49
N GLU C 192 -7.52 5.93 7.69
CA GLU C 192 -8.76 6.26 7.01
C GLU C 192 -9.22 7.65 7.46
N ARG C 193 -8.95 7.97 8.72
CA ARG C 193 -9.32 9.27 9.27
C ARG C 193 -8.64 10.43 8.53
N LEU C 194 -7.32 10.31 8.34
CA LEU C 194 -6.54 11.32 7.62
C LEU C 194 -6.98 11.42 6.15
N LEU C 195 -7.19 10.29 5.51
CA LEU C 195 -7.65 10.27 4.12
C LEU C 195 -9.02 10.93 3.99
N ASP C 196 -9.90 10.71 4.98
CA ASP C 196 -11.21 11.37 4.98
C ASP C 196 -11.05 12.89 4.93
N LEU C 197 -10.12 13.43 5.72
CA LEU C 197 -9.90 14.87 5.79
C LEU C 197 -9.44 15.43 4.45
N TYR C 198 -8.44 14.80 3.86
CA TYR C 198 -7.93 15.27 2.58
C TYR C 198 -8.97 15.11 1.46
N ALA C 199 -9.69 14.01 1.47
CA ALA C 199 -10.67 13.75 0.41
C ALA C 199 -11.81 14.77 0.46
N ARG C 200 -12.26 15.11 1.66
CA ARG C 200 -13.39 16.02 1.80
C ARG C 200 -13.05 17.39 1.23
N SER C 201 -11.78 17.78 1.35
CA SER C 201 -11.34 19.07 0.84
C SER C 201 -11.24 19.10 -0.67
N TYR C 202 -10.56 18.12 -1.26
CA TYR C 202 -10.37 18.17 -2.71
C TYR C 202 -11.61 17.70 -3.48
N ALA C 203 -12.59 17.15 -2.77
CA ALA C 203 -13.86 16.76 -3.40
C ALA C 203 -14.78 17.93 -3.70
N LYS C 204 -14.50 19.10 -3.12
CA LYS C 204 -15.24 20.31 -3.50
C LYS C 204 -15.08 20.46 -5.00
N PRO C 205 -16.19 20.61 -5.74
CA PRO C 205 -16.11 20.61 -7.21
C PRO C 205 -15.09 21.59 -7.76
N HIS C 206 -15.04 22.81 -7.22
CA HIS C 206 -14.05 23.78 -7.71
C HIS C 206 -12.64 23.35 -7.35
N SER C 207 -12.48 22.58 -6.29
CA SER C 207 -11.13 22.11 -5.91
C SER C 207 -10.68 20.90 -6.74
N LEU C 208 -11.61 20.00 -7.06
CA LEU C 208 -11.30 18.89 -7.94
C LEU C 208 -10.86 19.45 -9.30
N ASN C 209 -11.63 20.40 -9.81
CA ASN C 209 -11.25 21.04 -11.06
C ASN C 209 -9.93 21.80 -10.97
N ALA C 210 -9.76 22.62 -9.92
CA ALA C 210 -8.51 23.34 -9.75
C ALA C 210 -7.30 22.42 -9.73
N SER C 211 -7.42 21.28 -9.04
CA SER C 211 -6.33 20.29 -8.96
C SER C 211 -5.80 19.95 -10.34
N PHE C 212 -6.71 19.68 -11.27
CA PHE C 212 -6.31 19.25 -12.60
C PHE C 212 -5.87 20.38 -13.52
N GLU C 213 -6.33 21.60 -13.25
CA GLU C 213 -5.93 22.74 -14.06
C GLU C 213 -4.43 23.02 -13.92
N TYR C 214 -3.85 22.70 -12.76
CA TYR C 214 -2.40 22.80 -12.59
C TYR C 214 -1.67 21.94 -13.62
N TYR C 215 -2.25 20.78 -13.92
CA TYR C 215 -1.64 19.84 -14.88
C TYR C 215 -1.94 20.25 -16.31
N ARG C 216 -3.11 20.83 -16.53
CA ARG C 216 -3.47 21.37 -17.85
C ARG C 216 -2.58 22.56 -18.22
N ALA C 217 -2.02 23.21 -17.21
CA ALA C 217 -1.10 24.33 -17.45
C ALA C 217 0.38 23.92 -17.44
N LEU C 218 0.65 22.62 -17.24
CA LEU C 218 2.03 22.16 -17.08
C LEU C 218 2.92 22.48 -18.30
N ASN C 219 2.44 22.23 -19.51
CA ASN C 219 3.24 22.54 -20.69
C ASN C 219 3.54 24.03 -20.81
N GLU C 220 2.58 24.88 -20.43
CA GLU C 220 2.81 26.32 -20.39
C GLU C 220 3.91 26.64 -19.38
N SER C 221 3.84 26.00 -18.21
CA SER C 221 4.86 26.20 -17.18
C SER C 221 6.25 25.79 -17.68
N VAL C 222 6.31 24.69 -18.42
CA VAL C 222 7.57 24.26 -19.04
C VAL C 222 8.12 25.34 -19.97
N ARG C 223 7.27 25.83 -20.86
CA ARG C 223 7.67 26.91 -21.76
C ARG C 223 8.14 28.16 -20.99
N GLN C 224 7.40 28.52 -19.95
CA GLN C 224 7.79 29.66 -19.11
C GLN C 224 9.17 29.45 -18.50
N ASN C 225 9.41 28.25 -17.95
CA ASN C 225 10.66 27.98 -17.25
C ASN C 225 11.87 27.88 -18.15
N ALA C 226 11.64 27.61 -19.44
CA ALA C 226 12.73 27.53 -20.40
C ALA C 226 13.41 28.90 -20.51
N GLU C 227 12.63 29.96 -20.37
CA GLU C 227 13.16 31.32 -20.40
C GLU C 227 13.79 31.68 -19.06
N LEU C 228 13.07 31.41 -17.98
CA LEU C 228 13.52 31.78 -16.64
C LEU C 228 14.82 31.10 -16.21
N ALA C 229 15.00 29.85 -16.61
CA ALA C 229 16.15 29.06 -16.16
C ALA C 229 17.48 29.54 -16.74
N LYS C 230 17.46 30.57 -17.58
CA LYS C 230 18.69 31.15 -18.10
C LYS C 230 19.50 31.84 -17.01
N THR C 231 18.88 32.01 -15.85
CA THR C 231 19.55 32.57 -14.68
C THR C 231 19.51 31.56 -13.54
N ARG C 232 20.67 31.09 -13.11
CA ARG C 232 20.74 30.13 -12.00
C ARG C 232 20.40 30.80 -10.68
N LEU C 233 19.82 30.03 -9.76
CA LEU C 233 19.52 30.52 -8.42
C LEU C 233 20.79 30.59 -7.59
N GLN C 234 20.93 31.65 -6.81
CA GLN C 234 22.16 31.91 -6.06
C GLN C 234 22.06 31.70 -4.55
N MET C 235 20.85 31.52 -4.03
CA MET C 235 20.67 31.40 -2.58
C MET C 235 20.88 29.96 -2.13
N PRO C 236 21.21 29.76 -0.85
CA PRO C 236 21.37 28.38 -0.34
C PRO C 236 20.09 27.58 -0.56
N THR C 237 20.24 26.38 -1.12
CA THR C 237 19.11 25.52 -1.46
C THR C 237 19.35 24.10 -0.94
N MET C 238 18.28 23.47 -0.47
CA MET C 238 18.32 22.05 -0.12
C MET C 238 17.19 21.31 -0.83
N THR C 239 17.50 20.12 -1.35
CA THR C 239 16.46 19.26 -1.91
C THR C 239 16.28 18.03 -1.05
N LEU C 240 15.03 17.59 -0.92
CA LEU C 240 14.74 16.31 -0.28
C LEU C 240 13.92 15.45 -1.23
N ALA C 241 14.15 14.15 -1.17
CA ALA C 241 13.40 13.21 -2.00
C ALA C 241 13.26 11.89 -1.24
N GLY C 242 12.21 11.14 -1.52
CA GLY C 242 12.09 9.82 -0.95
C GLY C 242 12.93 8.81 -1.73
N GLY C 243 13.58 7.90 -1.01
CA GLY C 243 14.33 6.82 -1.64
C GLY C 243 13.52 5.53 -1.77
N GLY C 244 12.35 5.52 -1.16
CA GLY C 244 11.47 4.35 -1.17
C GLY C 244 10.44 4.38 -2.26
N HIS C 245 9.52 3.41 -2.24
CA HIS C 245 8.47 3.33 -3.26
C HIS C 245 7.73 4.65 -3.41
N GLY C 246 7.63 5.14 -4.64
CA GLY C 246 6.88 6.36 -4.89
C GLY C 246 7.71 7.65 -4.84
N GLY C 247 8.94 7.57 -4.39
CA GLY C 247 9.77 8.76 -4.26
C GLY C 247 10.54 9.09 -5.52
N MET C 248 11.11 10.29 -5.57
CA MET C 248 11.85 10.70 -6.76
C MET C 248 13.32 10.34 -6.77
N GLY C 249 13.81 9.88 -5.62
CA GLY C 249 15.19 9.42 -5.51
C GLY C 249 16.21 10.46 -5.93
N THR C 250 17.19 10.04 -6.72
CA THR C 250 18.29 10.94 -7.08
C THR C 250 17.91 12.03 -8.08
N PHE C 251 16.73 11.92 -8.69
CA PHE C 251 16.33 12.90 -9.70
C PHE C 251 16.24 14.30 -9.13
N GLN C 252 15.75 14.41 -7.90
CA GLN C 252 15.47 15.71 -7.28
C GLN C 252 16.73 16.58 -7.26
N LEU C 253 17.81 16.06 -6.67
CA LEU C 253 19.06 16.82 -6.59
C LEU C 253 19.71 16.99 -7.96
N GLU C 254 19.70 15.93 -8.76
CA GLU C 254 20.36 15.99 -10.06
C GLU C 254 19.78 17.07 -10.95
N GLN C 255 18.45 17.21 -10.94
CA GLN C 255 17.82 18.30 -11.70
C GLN C 255 18.12 19.66 -11.08
N MET C 256 18.08 19.71 -9.75
CA MET C 256 18.30 20.98 -9.04
C MET C 256 19.70 21.55 -9.31
N LYS C 257 20.67 20.68 -9.54
CA LYS C 257 22.03 21.13 -9.83
C LYS C 257 22.09 21.99 -11.09
N ALA C 258 21.14 21.79 -12.00
CA ALA C 258 21.11 22.60 -13.23
C ALA C 258 20.47 23.96 -12.98
N TYR C 259 19.83 24.11 -11.82
CA TYR C 259 19.09 25.33 -11.49
C TYR C 259 19.73 26.19 -10.41
N ALA C 260 20.59 25.59 -9.59
CA ALA C 260 21.09 26.30 -8.41
C ALA C 260 22.59 26.15 -8.26
N GLU C 261 23.26 27.24 -7.87
CA GLU C 261 24.70 27.22 -7.65
C GLU C 261 25.06 26.54 -6.34
N ASP C 262 24.19 26.69 -5.35
CA ASP C 262 24.44 26.24 -3.98
C ASP C 262 23.33 25.29 -3.54
N VAL C 263 23.55 23.98 -3.70
CA VAL C 263 22.51 23.01 -3.40
C VAL C 263 23.04 21.77 -2.69
N GLU C 264 22.38 21.40 -1.60
CA GLU C 264 22.68 20.12 -0.96
C GLU C 264 21.45 19.26 -1.07
N GLY C 265 21.62 17.97 -1.30
CA GLY C 265 20.48 17.10 -1.51
C GLY C 265 20.48 15.91 -0.56
N HIS C 266 19.29 15.43 -0.24
CA HIS C 266 19.15 14.24 0.59
C HIS C 266 18.09 13.33 0.02
N VAL C 267 18.39 12.05 0.04
CA VAL C 267 17.40 11.03 -0.31
C VAL C 267 17.10 10.25 0.96
N LEU C 268 15.83 10.19 1.35
CA LEU C 268 15.45 9.59 2.63
C LEU C 268 15.02 8.14 2.43
N PRO C 269 15.78 7.19 2.98
CA PRO C 269 15.47 5.78 2.75
C PRO C 269 14.17 5.38 3.42
N GLY C 270 13.42 4.47 2.79
CA GLY C 270 12.19 3.97 3.35
C GLY C 270 11.05 4.97 3.35
N CYS C 271 11.19 6.03 2.54
CA CYS C 271 10.21 7.09 2.46
C CYS C 271 9.83 7.30 1.00
N GLY C 272 8.54 7.47 0.72
CA GLY C 272 8.08 7.74 -0.64
C GLY C 272 7.89 9.22 -0.93
N HIS C 273 6.76 9.55 -1.56
CA HIS C 273 6.46 10.91 -2.00
C HIS C 273 6.07 11.84 -0.84
N TRP C 274 5.36 11.30 0.14
CA TRP C 274 4.72 12.14 1.17
C TRP C 274 5.60 12.33 2.39
N LEU C 275 6.74 12.99 2.18
CA LEU C 275 7.79 13.09 3.22
C LEU C 275 7.32 13.61 4.59
N PRO C 276 6.53 14.69 4.63
CA PRO C 276 6.17 15.23 5.95
C PRO C 276 5.38 14.25 6.81
N GLU C 277 4.67 13.31 6.17
CA GLU C 277 3.86 12.33 6.90
C GLU C 277 4.52 10.95 7.04
N GLU C 278 5.16 10.49 5.97
CA GLU C 278 5.82 9.17 6.02
C GLU C 278 7.05 9.18 6.90
N CYS C 279 7.74 10.31 6.90
CA CYS C 279 9.03 10.36 7.56
C CYS C 279 9.21 11.70 8.26
N ALA C 280 8.28 12.00 9.16
CA ALA C 280 8.24 13.28 9.86
C ALA C 280 9.53 13.58 10.63
N ALA C 281 10.02 12.63 11.41
CA ALA C 281 11.18 12.93 12.23
C ALA C 281 12.44 13.34 11.42
N PRO C 282 12.87 12.51 10.46
CA PRO C 282 14.08 12.94 9.75
C PRO C 282 13.84 14.11 8.81
N MET C 283 12.66 14.21 8.21
CA MET C 283 12.39 15.33 7.32
C MET C 283 12.35 16.64 8.09
N ASN C 284 11.60 16.64 9.19
CA ASN C 284 11.52 17.86 10.01
C ASN C 284 12.90 18.31 10.48
N ARG C 285 13.74 17.36 10.88
CA ARG C 285 15.08 17.68 11.36
C ARG C 285 15.91 18.34 10.26
N LEU C 286 15.90 17.74 9.08
CA LEU C 286 16.64 18.28 7.94
C LEU C 286 16.21 19.71 7.62
N VAL C 287 14.90 19.94 7.61
CA VAL C 287 14.37 21.28 7.28
C VAL C 287 14.72 22.31 8.37
N ILE C 288 14.46 21.96 9.63
CA ILE C 288 14.79 22.87 10.72
C ILE C 288 16.28 23.22 10.76
N ASP C 289 17.15 22.22 10.64
CA ASP C 289 18.59 22.47 10.69
C ASP C 289 19.02 23.38 9.54
N PHE C 290 18.51 23.10 8.35
CA PHE C 290 18.92 23.87 7.17
C PHE C 290 18.50 25.34 7.26
N LEU C 291 17.28 25.56 7.72
CA LEU C 291 16.76 26.92 7.87
C LEU C 291 17.41 27.64 9.05
N SER C 292 17.85 26.89 10.05
CA SER C 292 18.42 27.52 11.24
C SER C 292 19.90 27.91 11.07
N ARG C 293 20.49 27.59 9.92
CA ARG C 293 21.87 28.01 9.64
C ARG C 293 21.97 29.53 9.54
N ALA D 1 -29.99 -12.70 -28.80
CA ALA D 1 -29.60 -11.35 -29.19
C ALA D 1 -28.10 -11.27 -29.46
N GLU D 2 -27.70 -10.30 -30.28
CA GLU D 2 -26.29 -10.13 -30.61
C GLU D 2 -25.90 -8.70 -30.23
N GLU D 3 -24.67 -8.53 -29.76
CA GLU D 3 -24.19 -7.20 -29.45
C GLU D 3 -23.96 -6.38 -30.71
N PHE D 4 -23.59 -7.04 -31.80
CA PHE D 4 -23.31 -6.36 -33.07
C PHE D 4 -23.96 -7.09 -34.23
N PRO D 5 -24.38 -6.33 -35.27
CA PRO D 5 -25.03 -6.96 -36.42
C PRO D 5 -24.08 -7.87 -37.22
N VAL D 6 -24.52 -9.08 -37.51
CA VAL D 6 -23.71 -10.04 -38.26
C VAL D 6 -23.89 -9.79 -39.77
N PRO D 7 -22.78 -9.78 -40.54
CA PRO D 7 -22.93 -9.57 -42.00
C PRO D 7 -23.70 -10.72 -42.65
N ASN D 8 -24.35 -10.42 -43.77
CA ASN D 8 -25.04 -11.45 -44.53
C ASN D 8 -24.07 -12.57 -44.91
N GLY D 9 -24.51 -13.82 -44.74
CA GLY D 9 -23.71 -14.95 -45.13
C GLY D 9 -22.81 -15.47 -44.01
N PHE D 10 -22.76 -14.73 -42.92
CA PHE D 10 -21.97 -15.15 -41.76
C PHE D 10 -22.87 -15.69 -40.66
N GLU D 11 -22.30 -16.52 -39.80
CA GLU D 11 -23.01 -17.02 -38.63
C GLU D 11 -22.29 -16.62 -37.35
N SER D 12 -23.07 -16.28 -36.33
CA SER D 12 -22.56 -16.07 -34.98
C SER D 12 -22.72 -17.39 -34.22
N ALA D 13 -21.63 -17.85 -33.60
CA ALA D 13 -21.63 -19.16 -32.97
C ALA D 13 -20.65 -19.23 -31.81
N TYR D 14 -20.60 -20.39 -31.16
CA TYR D 14 -19.77 -20.58 -29.97
C TYR D 14 -19.07 -21.93 -30.00
N ARG D 15 -17.86 -21.99 -29.45
CA ARG D 15 -17.18 -23.27 -29.23
C ARG D 15 -16.56 -23.28 -27.85
N GLU D 16 -16.61 -24.42 -27.18
CA GLU D 16 -15.83 -24.62 -25.97
C GLU D 16 -14.39 -24.88 -26.32
N VAL D 17 -13.50 -24.15 -25.67
CA VAL D 17 -12.07 -24.39 -25.75
C VAL D 17 -11.48 -24.42 -24.36
N ASP D 18 -10.96 -25.58 -23.96
CA ASP D 18 -10.42 -25.77 -22.61
C ASP D 18 -11.39 -25.25 -21.54
N GLY D 19 -12.68 -25.55 -21.71
CA GLY D 19 -13.68 -25.21 -20.69
C GLY D 19 -14.19 -23.79 -20.76
N VAL D 20 -13.76 -23.06 -21.79
CA VAL D 20 -14.16 -21.66 -21.95
C VAL D 20 -14.98 -21.49 -23.22
N LYS D 21 -16.15 -20.87 -23.09
CA LYS D 21 -17.07 -20.72 -24.23
C LYS D 21 -16.73 -19.47 -25.01
N LEU D 22 -16.12 -19.65 -26.18
CA LEU D 22 -15.71 -18.51 -27.01
C LEU D 22 -16.77 -18.19 -28.05
N HIS D 23 -17.04 -16.91 -28.24
CA HIS D 23 -17.93 -16.46 -29.30
C HIS D 23 -17.10 -16.12 -30.53
N TYR D 24 -17.65 -16.38 -31.72
CA TYR D 24 -16.98 -15.94 -32.95
C TYR D 24 -18.03 -15.71 -34.02
N VAL D 25 -17.63 -15.01 -35.07
CA VAL D 25 -18.46 -14.87 -36.26
C VAL D 25 -17.68 -15.47 -37.41
N LYS D 26 -18.35 -16.31 -38.20
CA LYS D 26 -17.67 -17.13 -39.20
C LYS D 26 -18.41 -17.14 -40.54
N GLY D 27 -17.65 -17.08 -41.62
CA GLY D 27 -18.24 -17.21 -42.95
C GLY D 27 -17.21 -17.50 -44.02
N GLY D 28 -17.66 -17.84 -45.22
CA GLY D 28 -16.75 -18.00 -46.34
C GLY D 28 -16.36 -19.44 -46.62
N GLN D 29 -15.48 -19.62 -47.60
CA GLN D 29 -15.00 -20.95 -47.98
C GLN D 29 -13.53 -20.85 -48.34
N GLY D 30 -12.79 -21.93 -48.11
CA GLY D 30 -11.38 -21.98 -48.44
C GLY D 30 -10.53 -22.06 -47.19
N PRO D 31 -9.21 -21.83 -47.33
CA PRO D 31 -8.30 -21.87 -46.18
C PRO D 31 -8.75 -20.89 -45.10
N LEU D 32 -8.38 -21.17 -43.86
CA LEU D 32 -8.87 -20.36 -42.74
C LEU D 32 -8.04 -19.09 -42.53
N VAL D 33 -8.72 -17.98 -42.25
CA VAL D 33 -8.06 -16.75 -41.74
C VAL D 33 -8.76 -16.36 -40.46
N MET D 34 -7.99 -16.21 -39.39
CA MET D 34 -8.55 -15.77 -38.12
C MET D 34 -8.18 -14.30 -37.91
N LEU D 35 -9.18 -13.49 -37.56
CA LEU D 35 -8.98 -12.06 -37.34
C LEU D 35 -9.22 -11.80 -35.87
N VAL D 36 -8.24 -11.19 -35.20
CA VAL D 36 -8.30 -10.99 -33.75
C VAL D 36 -8.24 -9.51 -33.37
N HIS D 37 -9.32 -9.05 -32.74
CA HIS D 37 -9.50 -7.66 -32.34
C HIS D 37 -8.72 -7.28 -31.11
N GLY D 38 -8.83 -6.02 -30.71
CA GLY D 38 -8.09 -5.53 -29.57
C GLY D 38 -8.96 -4.79 -28.56
N PHE D 39 -8.31 -3.96 -27.76
CA PHE D 39 -8.99 -3.29 -26.67
C PHE D 39 -10.07 -2.31 -27.12
N GLY D 40 -11.17 -2.26 -26.37
CA GLY D 40 -12.23 -1.30 -26.63
C GLY D 40 -13.20 -1.79 -27.70
N GLN D 41 -12.87 -2.95 -28.28
CA GLN D 41 -13.63 -3.46 -29.43
C GLN D 41 -13.90 -4.95 -29.33
N THR D 42 -14.43 -5.51 -30.41
CA THR D 42 -14.86 -6.90 -30.46
C THR D 42 -14.63 -7.38 -31.89
N TRP D 43 -15.12 -8.57 -32.21
CA TRP D 43 -15.06 -9.10 -33.58
C TRP D 43 -15.54 -8.06 -34.61
N TYR D 44 -16.46 -7.21 -34.18
CA TYR D 44 -17.15 -6.31 -35.10
C TYR D 44 -16.23 -5.34 -35.83
N GLU D 45 -15.04 -5.04 -35.29
CA GLU D 45 -14.16 -4.10 -35.99
C GLU D 45 -13.75 -4.66 -37.35
N TRP D 46 -13.87 -5.97 -37.51
CA TRP D 46 -13.55 -6.63 -38.76
C TRP D 46 -14.74 -6.77 -39.73
N HIS D 47 -15.90 -6.20 -39.41
CA HIS D 47 -17.09 -6.51 -40.20
C HIS D 47 -17.08 -6.00 -41.65
N GLN D 48 -16.23 -5.03 -41.94
CA GLN D 48 -16.11 -4.52 -43.31
C GLN D 48 -15.14 -5.37 -44.14
N LEU D 49 -14.10 -5.88 -43.49
CA LEU D 49 -13.12 -6.72 -44.16
C LEU D 49 -13.67 -8.11 -44.42
N MET D 50 -14.47 -8.60 -43.47
CA MET D 50 -14.93 -9.98 -43.50
C MET D 50 -15.62 -10.44 -44.80
N PRO D 51 -16.61 -9.69 -45.31
CA PRO D 51 -17.28 -10.15 -46.53
C PRO D 51 -16.35 -10.22 -47.75
N GLU D 52 -15.41 -9.28 -47.87
CA GLU D 52 -14.47 -9.28 -48.98
C GLU D 52 -13.53 -10.47 -48.87
N LEU D 53 -13.03 -10.70 -47.67
CA LEU D 53 -12.08 -11.77 -47.43
C LEU D 53 -12.76 -13.14 -47.62
N ALA D 54 -14.05 -13.21 -47.29
CA ALA D 54 -14.81 -14.45 -47.38
C ALA D 54 -15.06 -14.91 -48.82
N LYS D 55 -14.66 -14.09 -49.79
CA LYS D 55 -14.76 -14.49 -51.17
C LYS D 55 -13.66 -15.49 -51.54
N ARG D 56 -12.62 -15.54 -50.72
CA ARG D 56 -11.44 -16.37 -51.01
C ARG D 56 -11.02 -17.25 -49.84
N PHE D 57 -11.51 -16.94 -48.64
CA PHE D 57 -11.11 -17.68 -47.45
C PHE D 57 -12.29 -18.02 -46.55
N THR D 58 -12.11 -19.01 -45.69
CA THR D 58 -13.00 -19.18 -44.55
C THR D 58 -12.51 -18.18 -43.52
N VAL D 59 -13.41 -17.35 -43.02
CA VAL D 59 -13.00 -16.27 -42.13
C VAL D 59 -13.62 -16.47 -40.76
N ILE D 60 -12.81 -16.42 -39.72
CA ILE D 60 -13.34 -16.47 -38.36
C ILE D 60 -12.84 -15.28 -37.53
N ALA D 61 -13.76 -14.63 -36.82
CA ALA D 61 -13.42 -13.48 -35.99
C ALA D 61 -13.93 -13.72 -34.57
N PRO D 62 -13.05 -14.18 -33.68
CA PRO D 62 -13.49 -14.47 -32.31
C PRO D 62 -13.53 -13.22 -31.42
N ASP D 63 -14.34 -13.27 -30.37
CA ASP D 63 -14.22 -12.29 -29.29
C ASP D 63 -13.15 -12.80 -28.33
N LEU D 64 -12.20 -11.93 -27.94
CA LEU D 64 -11.17 -12.30 -26.97
C LEU D 64 -11.85 -12.74 -25.69
N PRO D 65 -11.24 -13.69 -24.96
CA PRO D 65 -11.79 -14.14 -23.67
C PRO D 65 -12.20 -12.98 -22.76
N GLY D 66 -13.44 -13.03 -22.27
CA GLY D 66 -13.98 -12.02 -21.38
C GLY D 66 -14.59 -10.82 -22.07
N LEU D 67 -14.22 -10.62 -23.34
CA LEU D 67 -14.73 -9.49 -24.10
C LEU D 67 -15.79 -9.94 -25.10
N GLY D 68 -16.53 -8.98 -25.65
CA GLY D 68 -17.65 -9.31 -26.53
C GLY D 68 -18.56 -10.32 -25.85
N GLN D 69 -18.86 -11.41 -26.54
CA GLN D 69 -19.70 -12.46 -25.99
C GLN D 69 -18.94 -13.73 -25.59
N SER D 70 -17.62 -13.61 -25.44
CA SER D 70 -16.78 -14.70 -24.97
C SER D 70 -16.63 -14.76 -23.44
N GLU D 71 -16.65 -15.99 -22.92
CA GLU D 71 -16.43 -16.22 -21.50
C GLU D 71 -15.01 -15.80 -21.12
N PRO D 72 -14.82 -15.30 -19.89
CA PRO D 72 -13.45 -15.01 -19.43
C PRO D 72 -12.57 -16.28 -19.41
N PRO D 73 -11.25 -16.10 -19.52
CA PRO D 73 -10.35 -17.27 -19.49
C PRO D 73 -10.36 -17.90 -18.12
N LYS D 74 -10.12 -19.21 -18.06
CA LYS D 74 -10.05 -19.90 -16.78
C LYS D 74 -8.61 -20.04 -16.30
N THR D 75 -7.66 -19.78 -17.19
CA THR D 75 -6.26 -19.82 -16.80
C THR D 75 -5.77 -18.44 -16.36
N GLY D 76 -5.70 -17.51 -17.29
CA GLY D 76 -5.26 -16.16 -16.97
C GLY D 76 -5.21 -15.30 -18.21
N TYR D 77 -4.75 -14.06 -18.07
CA TYR D 77 -4.85 -13.08 -19.15
C TYR D 77 -3.50 -12.74 -19.76
N SER D 78 -2.45 -13.46 -19.35
CA SER D 78 -1.15 -13.26 -19.97
C SER D 78 -1.20 -13.76 -21.41
N GLY D 79 -0.31 -13.24 -22.25
CA GLY D 79 -0.29 -13.57 -23.66
C GLY D 79 -0.21 -15.06 -23.92
N GLU D 80 0.67 -15.75 -23.19
CA GLU D 80 0.80 -17.19 -23.41
C GLU D 80 -0.46 -17.95 -23.05
N GLN D 81 -1.15 -17.53 -22.00
CA GLN D 81 -2.37 -18.22 -21.59
C GLN D 81 -3.51 -17.98 -22.56
N VAL D 82 -3.68 -16.73 -22.99
CA VAL D 82 -4.79 -16.41 -23.88
C VAL D 82 -4.56 -17.01 -25.26
N ALA D 83 -3.30 -17.01 -25.71
CA ALA D 83 -2.96 -17.53 -27.03
C ALA D 83 -3.34 -19.00 -27.17
N VAL D 84 -3.30 -19.76 -26.08
CA VAL D 84 -3.73 -21.16 -26.14
C VAL D 84 -5.17 -21.27 -26.62
N TYR D 85 -6.07 -20.46 -26.06
CA TYR D 85 -7.47 -20.49 -26.47
C TYR D 85 -7.63 -20.19 -27.96
N LEU D 86 -6.93 -19.16 -28.43
CA LEU D 86 -7.08 -18.73 -29.81
C LEU D 86 -6.48 -19.75 -30.79
N HIS D 87 -5.33 -20.30 -30.42
CA HIS D 87 -4.71 -21.35 -31.23
C HIS D 87 -5.60 -22.58 -31.34
N LYS D 88 -6.11 -23.05 -30.20
CA LYS D 88 -6.98 -24.23 -30.22
C LYS D 88 -8.29 -23.98 -30.96
N LEU D 89 -8.86 -22.79 -30.82
CA LEU D 89 -10.08 -22.47 -31.58
C LEU D 89 -9.81 -22.56 -33.09
N ALA D 90 -8.74 -21.93 -33.54
CA ALA D 90 -8.37 -21.98 -34.96
C ALA D 90 -8.17 -23.42 -35.44
N ARG D 91 -7.51 -24.23 -34.63
CA ARG D 91 -7.25 -25.62 -35.02
C ARG D 91 -8.50 -26.49 -35.09
N GLN D 92 -9.55 -26.09 -34.36
CA GLN D 92 -10.83 -26.79 -34.49
C GLN D 92 -11.34 -26.66 -35.91
N PHE D 93 -11.07 -25.52 -36.54
CA PHE D 93 -11.58 -25.26 -37.88
C PHE D 93 -10.57 -25.54 -38.99
N SER D 94 -9.29 -25.59 -38.64
CA SER D 94 -8.24 -25.86 -39.60
C SER D 94 -7.25 -26.88 -39.02
N PRO D 95 -7.71 -28.12 -38.80
CA PRO D 95 -6.86 -29.14 -38.13
C PRO D 95 -5.74 -29.68 -39.02
N ASP D 96 -5.89 -29.61 -40.35
CA ASP D 96 -5.00 -30.31 -41.28
C ASP D 96 -4.14 -29.39 -42.14
N ARG D 97 -4.29 -28.09 -41.98
CA ARG D 97 -3.45 -27.16 -42.73
C ARG D 97 -3.19 -25.89 -41.92
N PRO D 98 -2.11 -25.17 -42.25
CA PRO D 98 -1.89 -23.91 -41.52
C PRO D 98 -2.98 -22.89 -41.85
N PHE D 99 -3.17 -21.94 -40.94
CA PHE D 99 -4.14 -20.87 -41.19
C PHE D 99 -3.44 -19.51 -41.18
N ASP D 100 -4.12 -18.48 -41.71
CA ASP D 100 -3.59 -17.11 -41.65
C ASP D 100 -4.10 -16.42 -40.40
N LEU D 101 -3.29 -15.49 -39.91
CA LEU D 101 -3.64 -14.73 -38.72
C LEU D 101 -3.51 -13.25 -39.00
N VAL D 102 -4.55 -12.49 -38.67
CA VAL D 102 -4.50 -11.03 -38.73
C VAL D 102 -4.91 -10.53 -37.34
N ALA D 103 -4.07 -9.67 -36.74
CA ALA D 103 -4.38 -9.18 -35.43
C ALA D 103 -4.12 -7.69 -35.28
N HIS D 104 -4.92 -7.05 -34.42
CA HIS D 104 -4.89 -5.61 -34.19
C HIS D 104 -4.82 -5.35 -32.69
N ASP D 105 -4.00 -4.38 -32.30
CA ASP D 105 -3.96 -3.90 -30.92
C ASP D 105 -3.61 -5.08 -29.98
N ILE D 106 -4.33 -5.28 -28.87
CA ILE D 106 -3.93 -6.35 -27.94
C ILE D 106 -4.17 -7.76 -28.52
N GLY D 107 -4.82 -7.82 -29.68
CA GLY D 107 -4.86 -9.06 -30.44
C GLY D 107 -3.47 -9.59 -30.74
N ILE D 108 -2.52 -8.68 -30.94
CA ILE D 108 -1.12 -9.07 -31.08
C ILE D 108 -0.58 -9.74 -29.81
N TRP D 109 -0.87 -9.12 -28.66
CA TRP D 109 -0.35 -9.62 -27.38
C TRP D 109 -0.86 -11.03 -27.14
N ASN D 110 -2.10 -11.26 -27.56
CA ASN D 110 -2.80 -12.49 -27.28
C ASN D 110 -2.61 -13.55 -28.36
N THR D 111 -1.82 -13.26 -29.38
CA THR D 111 -1.55 -14.27 -30.39
C THR D 111 -0.05 -14.56 -30.58
N TYR D 112 0.81 -13.57 -30.29
CA TYR D 112 2.24 -13.77 -30.56
C TYR D 112 2.81 -15.11 -30.01
N PRO D 113 2.50 -15.46 -28.74
CA PRO D 113 3.09 -16.71 -28.25
C PRO D 113 2.66 -17.96 -29.01
N MET D 114 1.41 -18.03 -29.47
CA MET D 114 1.02 -19.22 -30.21
C MET D 114 1.60 -19.25 -31.63
N VAL D 115 1.86 -18.07 -32.19
CA VAL D 115 2.53 -17.99 -33.49
C VAL D 115 3.96 -18.50 -33.39
N VAL D 116 4.71 -18.00 -32.40
CA VAL D 116 6.11 -18.37 -32.28
C VAL D 116 6.26 -19.86 -31.88
N LYS D 117 5.30 -20.37 -31.12
CA LYS D 117 5.39 -21.74 -30.63
C LYS D 117 4.81 -22.77 -31.58
N ASN D 118 4.00 -22.33 -32.55
CA ASN D 118 3.40 -23.26 -33.51
C ASN D 118 3.56 -22.74 -34.93
N GLN D 119 4.81 -22.48 -35.33
CA GLN D 119 5.03 -21.78 -36.60
C GLN D 119 4.49 -22.55 -37.79
N ALA D 120 4.51 -23.88 -37.71
CA ALA D 120 4.02 -24.69 -38.82
C ALA D 120 2.52 -24.54 -39.02
N ASP D 121 1.84 -24.00 -38.00
CA ASP D 121 0.39 -23.81 -38.07
C ASP D 121 -0.02 -22.48 -38.68
N ILE D 122 0.95 -21.58 -38.89
CA ILE D 122 0.64 -20.23 -39.35
C ILE D 122 1.20 -20.01 -40.75
N ALA D 123 0.33 -19.87 -41.75
CA ALA D 123 0.80 -19.70 -43.12
C ALA D 123 1.35 -18.29 -43.33
N ARG D 124 0.50 -17.30 -43.09
CA ARG D 124 0.89 -15.90 -43.27
C ARG D 124 0.36 -15.08 -42.09
N LEU D 125 1.08 -14.01 -41.76
CA LEU D 125 0.80 -13.25 -40.55
C LEU D 125 0.66 -11.77 -40.86
N VAL D 126 -0.41 -11.15 -40.37
CA VAL D 126 -0.55 -9.70 -40.49
C VAL D 126 -0.76 -9.08 -39.12
N TYR D 127 0.13 -8.19 -38.72
CA TYR D 127 0.04 -7.54 -37.41
C TYR D 127 -0.10 -6.04 -37.61
N MET D 128 -1.06 -5.42 -36.93
CA MET D 128 -1.24 -3.97 -37.08
C MET D 128 -1.46 -3.24 -35.74
N GLU D 129 -0.78 -2.11 -35.59
CA GLU D 129 -1.08 -1.15 -34.51
C GLU D 129 -1.04 -1.70 -33.09
N ALA D 130 0.10 -2.27 -32.71
CA ALA D 130 0.42 -2.61 -31.32
C ALA D 130 1.83 -3.13 -31.25
N PRO D 131 2.54 -2.75 -30.18
CA PRO D 131 3.83 -3.39 -29.94
C PRO D 131 3.62 -4.81 -29.49
N ILE D 132 4.46 -5.72 -29.94
CA ILE D 132 4.59 -7.00 -29.26
C ILE D 132 5.16 -6.66 -27.87
N PRO D 133 4.59 -7.24 -26.79
CA PRO D 133 5.08 -6.85 -25.46
C PRO D 133 6.54 -7.21 -25.27
N ASP D 134 7.38 -6.19 -25.11
CA ASP D 134 8.79 -6.40 -24.79
C ASP D 134 9.32 -5.14 -24.15
N ALA D 135 10.64 -5.10 -23.89
CA ALA D 135 11.21 -3.97 -23.15
C ALA D 135 11.02 -2.60 -23.80
N ARG D 136 10.69 -2.56 -25.10
CA ARG D 136 10.49 -1.29 -25.80
C ARG D 136 9.39 -0.45 -25.17
N ILE D 137 8.38 -1.10 -24.61
CA ILE D 137 7.22 -0.39 -24.07
C ILE D 137 7.56 0.43 -22.84
N TYR D 138 8.68 0.11 -22.19
CA TYR D 138 9.10 0.84 -20.99
C TYR D 138 9.76 2.18 -21.33
N ARG D 139 9.89 2.46 -22.62
CA ARG D 139 10.46 3.72 -23.09
C ARG D 139 9.42 4.77 -23.48
N PHE D 140 8.19 4.34 -23.72
CA PHE D 140 7.13 5.26 -24.17
C PHE D 140 6.92 6.29 -23.07
N PRO D 141 6.91 7.58 -23.43
CA PRO D 141 6.78 8.59 -22.37
C PRO D 141 5.37 8.75 -21.79
N ALA D 142 5.33 9.12 -20.52
CA ALA D 142 4.09 9.32 -19.78
C ALA D 142 3.34 10.55 -20.26
N PHE D 143 4.09 11.56 -20.72
CA PHE D 143 3.54 12.88 -20.98
C PHE D 143 4.27 13.49 -22.18
N THR D 144 3.58 14.33 -22.93
CA THR D 144 4.20 14.94 -24.12
C THR D 144 4.07 16.44 -24.09
N ALA D 145 4.86 17.11 -24.92
CA ALA D 145 4.82 18.56 -25.03
C ALA D 145 3.52 19.06 -25.66
N GLN D 146 2.74 18.15 -26.23
CA GLN D 146 1.44 18.50 -26.78
C GLN D 146 0.31 18.11 -25.83
N GLY D 147 0.68 17.57 -24.67
CA GLY D 147 -0.31 17.19 -23.68
C GLY D 147 -0.39 15.69 -23.47
N GLU D 148 -1.62 15.22 -23.25
CA GLU D 148 -1.94 13.81 -22.99
C GLU D 148 -1.23 12.89 -23.99
N SER D 149 -0.46 11.93 -23.47
CA SER D 149 0.20 10.94 -24.32
C SER D 149 -0.77 9.86 -24.78
N LEU D 150 -0.28 8.95 -25.60
CA LEU D 150 -1.11 7.90 -26.17
C LEU D 150 -1.00 6.61 -25.37
N VAL D 151 -0.15 6.61 -24.36
CA VAL D 151 0.22 5.38 -23.68
C VAL D 151 -0.01 5.36 -22.17
N TRP D 152 -0.52 6.46 -21.60
CA TRP D 152 -0.66 6.55 -20.15
C TRP D 152 -1.64 5.52 -19.60
N HIS D 153 -2.51 5.02 -20.48
CA HIS D 153 -3.50 4.03 -20.08
C HIS D 153 -2.88 2.70 -19.70
N PHE D 154 -1.66 2.42 -20.16
CA PHE D 154 -0.98 1.19 -19.74
C PHE D 154 -0.92 1.14 -18.21
N SER D 155 -0.51 2.25 -17.59
CA SER D 155 -0.48 2.33 -16.12
C SER D 155 -1.87 2.45 -15.46
N PHE D 156 -2.76 3.24 -16.06
CA PHE D 156 -4.12 3.40 -15.53
C PHE D 156 -4.78 2.02 -15.45
N PHE D 157 -4.69 1.27 -16.54
CA PHE D 157 -5.36 -0.04 -16.63
C PHE D 157 -4.66 -1.11 -15.79
N ALA D 158 -3.34 -1.02 -15.65
CA ALA D 158 -2.60 -2.01 -14.86
C ALA D 158 -2.70 -1.78 -13.35
N ALA D 159 -3.12 -0.58 -12.93
CA ALA D 159 -3.15 -0.20 -11.52
C ALA D 159 -4.01 -1.17 -10.72
N ASP D 160 -3.67 -1.38 -9.45
CA ASP D 160 -4.47 -2.26 -8.62
C ASP D 160 -5.67 -1.50 -8.03
N ASP D 161 -6.29 -2.08 -7.00
CA ASP D 161 -7.49 -1.52 -6.39
C ASP D 161 -8.67 -1.42 -7.35
N ARG D 162 -8.63 -2.22 -8.42
CA ARG D 162 -9.60 -2.05 -9.52
C ARG D 162 -9.78 -0.57 -9.86
N LEU D 163 -8.67 0.17 -9.94
CA LEU D 163 -8.75 1.61 -10.18
C LEU D 163 -9.55 1.95 -11.44
N ALA D 164 -9.24 1.27 -12.53
CA ALA D 164 -9.89 1.57 -13.80
C ALA D 164 -11.37 1.21 -13.79
N GLU D 165 -11.73 0.02 -13.29
CA GLU D 165 -13.15 -0.37 -13.26
C GLU D 165 -13.94 0.59 -12.40
N THR D 166 -13.34 0.99 -11.30
CA THR D 166 -14.06 1.82 -10.31
C THR D 166 -14.34 3.21 -10.88
N LEU D 167 -13.36 3.79 -11.57
CA LEU D 167 -13.52 5.12 -12.14
C LEU D 167 -14.37 5.12 -13.39
N ILE D 168 -14.26 4.06 -14.19
CA ILE D 168 -14.93 4.07 -15.49
C ILE D 168 -16.39 3.58 -15.42
N ALA D 169 -16.70 2.75 -14.42
CA ALA D 169 -18.06 2.25 -14.26
C ALA D 169 -19.05 3.42 -14.14
N GLY D 170 -20.13 3.35 -14.90
CA GLY D 170 -21.09 4.45 -14.95
C GLY D 170 -20.74 5.52 -15.98
N LYS D 171 -19.51 5.48 -16.49
CA LYS D 171 -19.06 6.45 -17.49
CA LYS D 171 -19.04 6.45 -17.48
C LYS D 171 -18.35 5.73 -18.63
N GLU D 172 -18.79 4.52 -18.93
CA GLU D 172 -18.12 3.68 -19.92
C GLU D 172 -18.13 4.27 -21.33
N ARG D 173 -19.28 4.82 -21.73
CA ARG D 173 -19.44 5.44 -23.03
C ARG D 173 -18.57 6.70 -23.16
N PHE D 174 -18.58 7.51 -22.11
CA PHE D 174 -17.77 8.72 -22.07
C PHE D 174 -16.28 8.38 -22.21
N PHE D 175 -15.82 7.46 -21.39
CA PHE D 175 -14.40 7.11 -21.44
C PHE D 175 -14.00 6.53 -22.80
N LEU D 176 -14.82 5.63 -23.36
CA LEU D 176 -14.44 4.97 -24.60
C LEU D 176 -14.38 5.97 -25.75
N GLU D 177 -15.32 6.90 -25.80
CA GLU D 177 -15.27 7.92 -26.84
C GLU D 177 -13.97 8.72 -26.74
N HIS D 178 -13.59 9.10 -25.51
CA HIS D 178 -12.35 9.85 -25.34
C HIS D 178 -11.16 9.01 -25.79
N PHE D 179 -11.12 7.78 -25.32
CA PHE D 179 -10.01 6.88 -25.66
C PHE D 179 -9.92 6.65 -27.17
N ILE D 180 -11.04 6.34 -27.80
CA ILE D 180 -11.02 6.04 -29.23
C ILE D 180 -10.64 7.28 -30.03
N LYS D 181 -11.30 8.41 -29.78
CA LYS D 181 -11.02 9.59 -30.58
C LYS D 181 -9.61 10.16 -30.34
N SER D 182 -9.09 10.03 -29.12
CA SER D 182 -7.75 10.53 -28.85
C SER D 182 -6.67 9.70 -29.56
N HIS D 183 -7.02 8.49 -29.97
CA HIS D 183 -6.06 7.65 -30.69
C HIS D 183 -6.36 7.59 -32.17
N ALA D 184 -7.28 8.45 -32.62
CA ALA D 184 -7.74 8.47 -34.01
C ALA D 184 -7.23 9.68 -34.80
N SER D 185 -7.11 9.50 -36.11
CA SER D 185 -6.96 10.63 -37.03
C SER D 185 -8.32 10.96 -37.61
N ASN D 186 -9.04 9.92 -38.03
CA ASN D 186 -10.34 10.11 -38.64
C ASN D 186 -11.43 9.82 -37.63
N THR D 187 -11.75 10.82 -36.81
CA THR D 187 -12.71 10.62 -35.74
C THR D 187 -14.14 10.45 -36.29
N GLU D 188 -14.37 10.94 -37.50
CA GLU D 188 -15.72 10.96 -38.08
C GLU D 188 -16.30 9.56 -38.30
N VAL D 189 -15.44 8.56 -38.48
CA VAL D 189 -15.91 7.21 -38.72
C VAL D 189 -16.54 6.63 -37.45
N PHE D 190 -16.25 7.23 -36.31
CA PHE D 190 -16.83 6.78 -35.06
C PHE D 190 -18.12 7.54 -34.74
N SER D 191 -19.20 7.08 -35.36
CA SER D 191 -20.52 7.67 -35.15
C SER D 191 -20.95 7.47 -33.71
N GLU D 192 -21.91 8.26 -33.26
CA GLU D 192 -22.43 8.10 -31.90
C GLU D 192 -23.01 6.70 -31.72
N ARG D 193 -23.64 6.19 -32.77
CA ARG D 193 -24.17 4.83 -32.76
C ARG D 193 -23.10 3.73 -32.60
N LEU D 194 -22.03 3.81 -33.37
CA LEU D 194 -20.96 2.81 -33.25
C LEU D 194 -20.32 2.87 -31.87
N LEU D 195 -20.14 4.07 -31.34
CA LEU D 195 -19.60 4.20 -29.99
C LEU D 195 -20.56 3.61 -28.96
N ASP D 196 -21.86 3.79 -29.17
CA ASP D 196 -22.86 3.19 -28.29
C ASP D 196 -22.72 1.65 -28.24
N LEU D 197 -22.54 1.04 -29.41
CA LEU D 197 -22.41 -0.41 -29.50
C LEU D 197 -21.17 -0.95 -28.77
N TYR D 198 -20.02 -0.37 -29.05
CA TYR D 198 -18.79 -0.79 -28.39
C TYR D 198 -18.87 -0.53 -26.87
N ALA D 199 -19.43 0.61 -26.47
CA ALA D 199 -19.49 0.92 -25.04
C ALA D 199 -20.38 -0.06 -24.28
N ARG D 200 -21.53 -0.42 -24.86
CA ARG D 200 -22.44 -1.36 -24.21
C ARG D 200 -21.76 -2.69 -23.96
N SER D 201 -20.98 -3.14 -24.93
CA SER D 201 -20.32 -4.44 -24.82
C SER D 201 -19.28 -4.45 -23.70
N TYR D 202 -18.37 -3.48 -23.70
CA TYR D 202 -17.30 -3.51 -22.72
C TYR D 202 -17.75 -3.05 -21.34
N ALA D 203 -18.97 -2.50 -21.26
CA ALA D 203 -19.53 -2.09 -19.97
C ALA D 203 -20.07 -3.25 -19.14
N LYS D 204 -20.27 -4.42 -19.77
CA LYS D 204 -20.62 -5.61 -18.99
C LYS D 204 -19.53 -5.76 -17.92
N PRO D 205 -19.93 -5.88 -16.63
CA PRO D 205 -18.94 -5.90 -15.55
C PRO D 205 -17.80 -6.89 -15.79
N HIS D 206 -18.08 -8.10 -16.24
CA HIS D 206 -16.98 -9.03 -16.47
C HIS D 206 -16.10 -8.62 -17.64
N SER D 207 -16.67 -7.88 -18.58
CA SER D 207 -15.92 -7.40 -19.75
C SER D 207 -15.07 -6.18 -19.41
N LEU D 208 -15.61 -5.30 -18.57
CA LEU D 208 -14.85 -4.15 -18.14
C LEU D 208 -13.61 -4.63 -17.38
N ASN D 209 -13.81 -5.57 -16.47
CA ASN D 209 -12.67 -6.15 -15.74
C ASN D 209 -11.73 -6.91 -16.66
N ALA D 210 -12.28 -7.73 -17.57
CA ALA D 210 -11.44 -8.48 -18.49
C ALA D 210 -10.52 -7.54 -19.27
N SER D 211 -11.08 -6.44 -19.77
CA SER D 211 -10.32 -5.45 -20.53
C SER D 211 -9.04 -5.06 -19.80
N PHE D 212 -9.16 -4.80 -18.52
CA PHE D 212 -8.02 -4.31 -17.77
C PHE D 212 -7.10 -5.42 -17.27
N GLU D 213 -7.62 -6.63 -17.10
CA GLU D 213 -6.77 -7.76 -16.73
C GLU D 213 -5.71 -8.07 -17.79
N TYR D 214 -6.01 -7.79 -19.07
CA TYR D 214 -4.98 -7.89 -20.11
C TYR D 214 -3.76 -7.02 -19.80
N TYR D 215 -4.02 -5.84 -19.25
CA TYR D 215 -2.95 -4.90 -18.90
C TYR D 215 -2.27 -5.25 -17.59
N ARG D 216 -3.04 -5.81 -16.65
CA ARG D 216 -2.46 -6.25 -15.39
C ARG D 216 -1.53 -7.44 -15.57
N ALA D 217 -1.68 -8.14 -16.68
CA ALA D 217 -0.78 -9.23 -17.05
C ALA D 217 0.31 -8.82 -18.03
N LEU D 218 0.37 -7.54 -18.40
CA LEU D 218 1.30 -7.11 -19.45
C LEU D 218 2.78 -7.34 -19.10
N ASN D 219 3.16 -7.04 -17.86
CA ASN D 219 4.55 -7.28 -17.49
C ASN D 219 4.87 -8.75 -17.51
N GLU D 220 3.91 -9.58 -17.12
CA GLU D 220 4.10 -11.02 -17.19
C GLU D 220 4.28 -11.45 -18.66
N SER D 221 3.50 -10.83 -19.54
CA SER D 221 3.61 -11.12 -20.98
C SER D 221 4.98 -10.73 -21.52
N VAL D 222 5.48 -9.58 -21.08
CA VAL D 222 6.83 -9.13 -21.48
C VAL D 222 7.87 -10.15 -21.03
N ARG D 223 7.74 -10.65 -19.80
CA ARG D 223 8.71 -11.63 -19.32
C ARG D 223 8.61 -12.95 -20.10
N GLN D 224 7.39 -13.39 -20.39
CA GLN D 224 7.18 -14.57 -21.23
C GLN D 224 7.84 -14.40 -22.60
N ASN D 225 7.60 -13.25 -23.24
CA ASN D 225 8.11 -13.00 -24.58
C ASN D 225 9.63 -12.88 -24.65
N ALA D 226 10.26 -12.53 -23.54
CA ALA D 226 11.72 -12.47 -23.50
C ALA D 226 12.31 -13.84 -23.81
N GLU D 227 11.68 -14.88 -23.30
CA GLU D 227 12.10 -16.25 -23.62
C GLU D 227 11.65 -16.70 -25.01
N LEU D 228 10.38 -16.45 -25.34
CA LEU D 228 9.85 -16.86 -26.63
C LEU D 228 10.61 -16.27 -27.81
N ALA D 229 11.11 -15.04 -27.66
CA ALA D 229 11.70 -14.31 -28.78
C ALA D 229 13.07 -14.83 -29.18
N LYS D 230 13.57 -15.84 -28.45
CA LYS D 230 14.82 -16.49 -28.83
C LYS D 230 14.65 -17.24 -30.14
N THR D 231 13.40 -17.51 -30.53
CA THR D 231 13.08 -18.12 -31.81
C THR D 231 12.41 -17.11 -32.75
N ARG D 232 13.09 -16.80 -33.85
CA ARG D 232 12.62 -15.83 -34.83
C ARG D 232 11.42 -16.39 -35.59
N LEU D 233 10.50 -15.52 -36.02
CA LEU D 233 9.37 -15.93 -36.85
C LEU D 233 9.81 -16.11 -38.30
N GLN D 234 9.39 -17.21 -38.92
CA GLN D 234 9.84 -17.57 -40.25
C GLN D 234 8.79 -17.42 -41.36
N MET D 235 7.53 -17.24 -40.99
CA MET D 235 6.46 -17.17 -42.00
C MET D 235 6.37 -15.77 -42.60
N PRO D 236 5.85 -15.66 -43.83
CA PRO D 236 5.66 -14.33 -44.44
C PRO D 236 4.78 -13.45 -43.55
N THR D 237 5.28 -12.26 -43.26
CA THR D 237 4.62 -11.34 -42.34
C THR D 237 4.43 -9.96 -42.99
N MET D 238 3.30 -9.33 -42.70
CA MET D 238 3.11 -7.94 -43.09
C MET D 238 2.70 -7.14 -41.86
N THR D 239 3.28 -5.96 -41.71
CA THR D 239 2.81 -5.04 -40.69
C THR D 239 2.11 -3.84 -41.32
N LEU D 240 1.12 -3.34 -40.60
CA LEU D 240 0.46 -2.09 -40.98
C LEU D 240 0.42 -1.16 -39.76
N ALA D 241 0.58 0.13 -40.01
CA ALA D 241 0.47 1.12 -38.95
C ALA D 241 -0.09 2.42 -39.52
N GLY D 242 -0.72 3.21 -38.66
CA GLY D 242 -1.22 4.51 -39.11
C GLY D 242 -0.10 5.53 -39.08
N GLY D 243 -0.07 6.42 -40.08
CA GLY D 243 0.91 7.49 -40.09
C GLY D 243 0.37 8.81 -39.56
N GLY D 244 -0.93 8.84 -39.26
CA GLY D 244 -1.53 10.05 -38.71
C GLY D 244 -1.55 10.07 -37.19
N HIS D 245 -2.18 11.10 -36.63
CA HIS D 245 -2.37 11.20 -35.19
C HIS D 245 -2.92 9.92 -34.61
N GLY D 246 -2.30 9.42 -33.56
CA GLY D 246 -2.78 8.21 -32.91
C GLY D 246 -2.11 6.94 -33.40
N GLY D 247 -1.47 7.00 -34.57
CA GLY D 247 -0.83 5.83 -35.17
C GLY D 247 0.56 5.53 -34.62
N MET D 248 1.06 4.34 -34.93
CA MET D 248 2.37 3.92 -34.43
C MET D 248 3.49 4.17 -35.43
N GLY D 249 3.13 4.55 -36.65
CA GLY D 249 4.12 4.96 -37.62
C GLY D 249 5.16 3.88 -37.87
N THR D 250 6.43 4.26 -37.94
CA THR D 250 7.48 3.33 -38.32
C THR D 250 7.81 2.29 -37.24
N PHE D 251 7.31 2.48 -36.02
CA PHE D 251 7.61 1.56 -34.91
C PHE D 251 7.18 0.14 -35.23
N GLN D 252 6.01 -0.01 -35.84
CA GLN D 252 5.43 -1.33 -36.08
C GLN D 252 6.39 -2.21 -36.88
N LEU D 253 6.84 -1.70 -38.02
CA LEU D 253 7.75 -2.45 -38.87
C LEU D 253 9.13 -2.60 -38.23
N GLU D 254 9.61 -1.54 -37.59
CA GLU D 254 10.96 -1.60 -37.01
C GLU D 254 11.07 -2.62 -35.88
N GLN D 255 10.05 -2.69 -35.03
CA GLN D 255 10.02 -3.72 -34.01
C GLN D 255 9.91 -5.11 -34.65
N MET D 256 9.05 -5.24 -35.65
CA MET D 256 8.79 -6.56 -36.22
C MET D 256 10.04 -7.13 -36.89
N LYS D 257 10.90 -6.24 -37.40
CA LYS D 257 12.16 -6.66 -38.02
C LYS D 257 13.03 -7.45 -37.05
N ALA D 258 12.89 -7.16 -35.76
CA ALA D 258 13.66 -7.87 -34.74
C ALA D 258 13.05 -9.24 -34.46
N TYR D 259 11.79 -9.44 -34.86
CA TYR D 259 11.10 -10.70 -34.57
C TYR D 259 10.95 -11.62 -35.76
N ALA D 260 10.98 -11.05 -36.97
CA ALA D 260 10.61 -11.82 -38.15
C ALA D 260 11.64 -11.71 -39.27
N GLU D 261 11.92 -12.83 -39.91
CA GLU D 261 12.91 -12.88 -40.98
C GLU D 261 12.37 -12.30 -42.27
N ASP D 262 11.07 -12.52 -42.50
CA ASP D 262 10.42 -12.18 -43.77
C ASP D 262 9.25 -11.24 -43.51
N VAL D 263 9.53 -9.94 -43.51
CA VAL D 263 8.49 -8.96 -43.19
C VAL D 263 8.51 -7.78 -44.13
N GLU D 264 7.31 -7.37 -44.57
CA GLU D 264 7.12 -6.11 -45.29
C GLU D 264 6.18 -5.25 -44.46
N GLY D 265 6.35 -3.94 -44.52
CA GLY D 265 5.52 -3.06 -43.73
C GLY D 265 4.93 -1.92 -44.54
N HIS D 266 3.82 -1.38 -44.06
CA HIS D 266 3.25 -0.16 -44.63
C HIS D 266 2.79 0.76 -43.52
N VAL D 267 3.00 2.05 -43.76
CA VAL D 267 2.46 3.10 -42.90
C VAL D 267 1.43 3.87 -43.71
N LEU D 268 0.22 4.03 -43.16
CA LEU D 268 -0.89 4.59 -43.92
C LEU D 268 -1.11 6.05 -43.54
N PRO D 269 -0.77 6.98 -44.45
CA PRO D 269 -0.93 8.41 -44.16
C PRO D 269 -2.40 8.76 -43.97
N GLY D 270 -2.69 9.68 -43.07
CA GLY D 270 -4.06 10.11 -42.84
C GLY D 270 -4.87 9.13 -42.01
N CYS D 271 -4.21 8.20 -41.34
CA CYS D 271 -4.91 7.17 -40.53
C CYS D 271 -4.27 7.04 -39.17
N GLY D 272 -5.08 6.87 -38.13
CA GLY D 272 -4.57 6.70 -36.77
C GLY D 272 -4.52 5.25 -36.34
N HIS D 273 -4.91 4.99 -35.10
CA HIS D 273 -4.77 3.67 -34.51
C HIS D 273 -5.80 2.65 -35.02
N TRP D 274 -6.99 3.14 -35.37
CA TRP D 274 -8.11 2.24 -35.61
C TRP D 274 -8.21 1.91 -37.10
N LEU D 275 -7.18 1.27 -37.64
CA LEU D 275 -7.10 1.10 -39.11
C LEU D 275 -8.35 0.53 -39.79
N PRO D 276 -8.95 -0.56 -39.23
CA PRO D 276 -10.08 -1.15 -39.97
C PRO D 276 -11.26 -0.20 -40.15
N GLU D 277 -11.43 0.75 -39.23
CA GLU D 277 -12.51 1.72 -39.33
C GLU D 277 -12.09 3.06 -39.96
N GLU D 278 -10.93 3.57 -39.54
CA GLU D 278 -10.44 4.84 -40.07
C GLU D 278 -10.04 4.77 -41.52
N CYS D 279 -9.51 3.61 -41.94
CA CYS D 279 -8.94 3.48 -43.27
C CYS D 279 -9.27 2.12 -43.87
N ALA D 280 -10.57 1.84 -43.89
CA ALA D 280 -11.08 0.51 -44.27
C ALA D 280 -10.63 0.11 -45.67
N ALA D 281 -10.80 1.00 -46.64
CA ALA D 281 -10.53 0.62 -48.02
C ALA D 281 -9.06 0.24 -48.31
N PRO D 282 -8.09 1.11 -47.98
CA PRO D 282 -6.70 0.72 -48.23
C PRO D 282 -6.25 -0.39 -47.28
N MET D 283 -6.70 -0.39 -46.03
CA MET D 283 -6.29 -1.48 -45.14
C MET D 283 -6.79 -2.81 -45.67
N ASN D 284 -8.08 -2.85 -46.02
CA ASN D 284 -8.65 -4.06 -46.59
C ASN D 284 -7.88 -4.52 -47.82
N ARG D 285 -7.55 -3.58 -48.70
CA ARG D 285 -6.85 -3.92 -49.94
C ARG D 285 -5.51 -4.59 -49.66
N LEU D 286 -4.74 -4.00 -48.74
CA LEU D 286 -3.40 -4.50 -48.45
C LEU D 286 -3.46 -5.88 -47.80
N VAL D 287 -4.41 -6.07 -46.89
CA VAL D 287 -4.60 -7.38 -46.25
C VAL D 287 -5.03 -8.44 -47.26
N ILE D 288 -6.06 -8.14 -48.04
CA ILE D 288 -6.56 -9.09 -49.03
C ILE D 288 -5.45 -9.48 -50.02
N ASP D 289 -4.74 -8.49 -50.53
CA ASP D 289 -3.66 -8.74 -51.49
C ASP D 289 -2.53 -9.57 -50.87
N PHE D 290 -2.12 -9.23 -49.66
CA PHE D 290 -1.03 -9.95 -48.99
C PHE D 290 -1.40 -11.41 -48.75
N LEU D 291 -2.63 -11.64 -48.28
CA LEU D 291 -3.06 -13.00 -47.99
C LEU D 291 -3.34 -13.79 -49.27
N SER D 292 -3.70 -13.10 -50.34
CA SER D 292 -4.03 -13.78 -51.59
C SER D 292 -2.80 -14.20 -52.41
N ARG D 293 -1.61 -13.79 -51.98
CA ARG D 293 -0.37 -14.25 -52.64
C ARG D 293 -0.20 -15.77 -52.55
C1 4HY E . 14.46 -7.42 11.99
C2 4HY E . 10.27 -9.18 9.85
C3 4HY E . 14.37 -8.63 11.33
C4 4HY E . 9.18 -10.00 9.57
C5 4HY E . 13.13 -9.18 11.06
C6 4HY E . 8.62 -10.06 8.31
C7 4HY E . 11.98 -8.52 11.42
C8 4HY E . 9.14 -9.29 7.30
C9 4HY E . 12.07 -7.31 12.11
C10 4HY E . 10.23 -8.46 7.58
C11 4HY E . 13.31 -6.76 12.39
C12 4HY E . 10.80 -8.42 8.84
C13 4HY E . 15.82 -6.81 12.33
C14 4HY E . 16.16 -6.97 13.80
I1 4HY E . 12.99 -11.06 9.99
I2 4HY E . 7.01 -11.33 7.99
I3 4HY E . 10.36 -6.20 12.76
O3 4HY E . 15.52 -6.26 14.67
O2 4HY E . 10.76 -9.16 11.13
O1 4HY E . 8.60 -9.33 6.03
O4 4HY E . 17.06 -7.81 14.15
C1 4HY F . 9.57 -3.69 29.35
C2 4HY F . 4.46 -3.87 28.55
C3 4HY F . 9.11 -4.67 28.50
C4 4HY F . 3.24 -3.31 28.15
C5 4HY F . 7.80 -4.62 28.04
C6 4HY F . 2.03 -3.57 28.81
C7 4HY F . 6.91 -3.64 28.39
C8 4HY F . 2.06 -4.39 29.90
C9 4HY F . 7.41 -2.65 29.22
C10 4HY F . 3.25 -4.95 30.33
C11 4HY F . 8.72 -2.67 29.71
C12 4HY F . 4.44 -4.71 29.65
C13 4HY F . 11.02 -3.75 29.86
C14 4HY F . 12.04 -2.88 29.17
I1 4HY F . 7.14 -6.20 26.74
I2 4HY F . 0.22 -2.72 28.21
I3 4HY F . 6.11 -1.09 29.80
O3 4HY F . 11.97 -2.70 27.89
O2 4HY F . 5.61 -3.63 27.85
O1 4HY F . 0.88 -4.66 30.60
O4 4HY F . 12.97 -2.29 29.84
C1 4HY G . 12.21 9.66 -12.73
C2 4HY G . 7.89 10.72 -10.55
C3 4HY G . 11.17 8.84 -13.11
C4 4HY G . 6.71 11.34 -10.17
C5 4HY G . 9.87 9.19 -12.83
C6 4HY G . 6.23 11.33 -8.86
C7 4HY G . 9.59 10.38 -12.16
C8 4HY G . 6.98 10.68 -7.90
C9 4HY G . 10.65 11.22 -11.80
C10 4HY G . 8.18 10.08 -8.26
C11 4HY G . 11.96 10.87 -12.08
C12 4HY G . 8.64 10.09 -9.57
C13 4HY G . 13.64 9.25 -13.08
C14 4HY G . 13.99 9.46 -14.53
I1 4HY G . 8.31 7.80 -13.46
I2 4HY G . 4.46 12.30 -8.44
I3 4HY G . 10.25 13.06 -10.79
O3 4HY G . 13.44 8.72 -15.43
O2 4HY G . 8.28 10.76 -11.87
O1 4HY G . 6.55 10.66 -6.58
O4 4HY G . 14.79 10.41 -14.87
C1 4HY H . 6.83 5.05 -30.06
C2 4HY H . 1.89 4.30 -28.86
C3 4HY H . 6.14 3.89 -30.37
C4 4HY H . 0.81 3.57 -28.34
C5 4HY H . 4.91 3.65 -29.77
C6 4HY H . -0.47 3.63 -28.91
C7 4HY H . 4.34 4.52 -28.88
C8 4HY H . -0.66 4.44 -30.00
C9 4HY H . 5.07 5.66 -28.58
C10 4HY H . 0.40 5.17 -30.52
C11 4HY H . 6.29 5.93 -29.15
C12 4HY H . 1.67 5.11 -29.95
C13 4HY H . 8.20 5.34 -30.70
C14 4HY H . 9.37 4.59 -30.10
I1 4HY H . 3.84 1.84 -30.27
I2 4HY H . -2.05 2.53 -28.11
I3 4HY H . 4.30 7.09 -27.22
O3 4HY H . 9.54 4.57 -28.82
O2 4HY H . 3.10 4.22 -28.26
O1 4HY H . -1.90 4.54 -30.59
O4 4HY H . 10.19 3.95 -30.87
#